data_7U4O
#
_entry.id   7U4O
#
_cell.length_a   65.990
_cell.length_b   129.041
_cell.length_c   84.118
_cell.angle_alpha   90.000
_cell.angle_beta   91.003
_cell.angle_gamma   90.000
#
_symmetry.space_group_name_H-M   'P 1 21 1'
#
loop_
_entity.id
_entity.type
_entity.pdbx_description
1 polymer 'Dual specificity protein phosphatase 10'
2 non-polymer 3,3-dimethyl-1-{[(9aM)-9-propyl-5,6-dihydrothieno[3,4-h]quinazolin-2-yl]sulfanyl}butan-2-one
#
_entity_poly.entity_id   1
_entity_poly.type   'polypeptide(L)'
_entity_poly.pdbx_seq_one_letter_code
;GSHMAELTPILPFLFLGNEQDAQDLDTMQRLNIGYVINVTTHLPLYHYEKGLFNYKRLPATDSNKQNLRQYFEEAFEFIE
EAHQCGKGLLIHCQAGVSRSATIVIAYLMKHTRMTMTDAYKFVKGKRPIISPNLNFMGQLLEFEEDLNNGVT
;
_entity_poly.pdbx_strand_id   A,B,C,D,E,F
#
# COMPACT_ATOMS: atom_id res chain seq x y z
N SER A 2 22.51 32.96 -5.91
CA SER A 2 22.47 31.82 -5.00
C SER A 2 21.08 31.61 -4.41
N HIS A 3 20.78 30.37 -4.07
CA HIS A 3 19.46 30.00 -3.57
C HIS A 3 19.30 30.41 -2.12
N MET A 4 18.16 31.03 -1.80
CA MET A 4 17.81 31.40 -0.44
C MET A 4 16.99 30.26 0.16
N ALA A 5 17.59 29.52 1.09
CA ALA A 5 17.05 28.26 1.57
C ALA A 5 15.86 28.51 2.51
N GLU A 6 14.68 28.07 2.10
CA GLU A 6 13.48 28.19 2.92
C GLU A 6 13.24 26.82 3.56
N LEU A 7 13.55 26.72 4.85
CA LEU A 7 13.25 25.53 5.65
C LEU A 7 12.02 25.86 6.50
N THR A 8 10.85 25.49 6.00
CA THR A 8 9.59 25.92 6.62
C THR A 8 9.35 25.20 7.94
N PRO A 9 9.28 25.91 9.07
CA PRO A 9 8.90 25.24 10.31
C PRO A 9 7.40 24.98 10.40
N ILE A 10 6.98 23.75 10.12
CA ILE A 10 5.58 23.38 10.29
C ILE A 10 5.25 23.35 11.77
N LEU A 11 6.07 22.68 12.55
CA LEU A 11 6.10 22.74 13.99
C LEU A 11 7.49 23.23 14.36
N PRO A 12 7.70 23.72 15.57
CA PRO A 12 9.03 24.24 15.95
C PRO A 12 10.18 23.27 15.71
N PHE A 13 9.94 21.96 15.69
CA PHE A 13 11.00 20.99 15.49
C PHE A 13 10.85 20.23 14.17
N LEU A 14 9.82 20.54 13.38
CA LEU A 14 9.51 19.79 12.17
C LEU A 14 9.55 20.75 10.99
N PHE A 15 10.50 20.53 10.09
CA PHE A 15 10.74 21.44 8.99
C PHE A 15 10.51 20.72 7.67
N LEU A 16 10.05 21.49 6.68
CA LEU A 16 9.71 20.98 5.36
C LEU A 16 10.43 21.81 4.32
N GLY A 17 10.97 21.16 3.29
CA GLY A 17 11.66 21.87 2.25
C GLY A 17 11.80 21.01 1.01
N ASN A 18 12.39 21.61 -0.03
CA ASN A 18 12.67 20.91 -1.28
C ASN A 18 14.15 20.57 -1.37
N GLU A 19 14.59 20.16 -2.56
CA GLU A 19 15.96 19.68 -2.70
C GLU A 19 16.98 20.80 -2.52
N GLN A 20 16.69 22.02 -3.01
CA GLN A 20 17.65 23.09 -2.81
C GLN A 20 17.67 23.61 -1.38
N ASP A 21 16.53 23.57 -0.69
CA ASP A 21 16.54 23.97 0.71
C ASP A 21 17.39 23.03 1.55
N ALA A 22 17.44 21.74 1.19
CA ALA A 22 18.16 20.74 1.97
C ALA A 22 19.68 20.84 1.84
N GLN A 23 20.19 21.67 0.94
CA GLN A 23 21.62 21.76 0.71
C GLN A 23 22.30 22.88 1.49
N ASP A 24 21.56 23.64 2.31
CA ASP A 24 22.12 24.74 3.09
C ASP A 24 22.49 24.24 4.48
N LEU A 25 23.77 23.93 4.68
CA LEU A 25 24.23 23.40 5.96
C LEU A 25 24.09 24.43 7.08
N ASP A 26 24.39 25.70 6.79
CA ASP A 26 24.37 26.73 7.82
C ASP A 26 22.98 26.93 8.40
N THR A 27 21.95 26.97 7.54
CA THR A 27 20.60 27.13 8.02
C THR A 27 20.16 25.95 8.88
N MET A 28 20.56 24.74 8.49
CA MET A 28 20.19 23.55 9.25
C MET A 28 20.79 23.56 10.65
N GLN A 29 22.05 23.96 10.77
CA GLN A 29 22.66 24.02 12.08
C GLN A 29 22.10 25.18 12.90
N ARG A 30 21.73 26.28 12.24
CA ARG A 30 21.11 27.40 12.95
C ARG A 30 19.78 26.98 13.59
N LEU A 31 19.05 26.09 12.92
CA LEU A 31 17.74 25.67 13.37
C LEU A 31 17.78 24.43 14.27
N ASN A 32 18.98 24.01 14.68
CA ASN A 32 19.15 22.88 15.60
C ASN A 32 18.56 21.59 15.04
N ILE A 33 18.72 21.39 13.73
CA ILE A 33 18.24 20.19 13.07
C ILE A 33 19.28 19.09 13.19
N GLY A 34 18.86 17.91 13.63
CA GLY A 34 19.77 16.79 13.77
C GLY A 34 19.32 15.56 13.02
N TYR A 35 18.14 15.63 12.40
CA TYR A 35 17.53 14.50 11.71
C TYR A 35 17.03 14.93 10.33
N VAL A 36 17.24 14.08 9.33
CA VAL A 36 16.82 14.35 7.96
C VAL A 36 16.10 13.14 7.40
N ILE A 37 14.93 13.36 6.82
CA ILE A 37 14.20 12.34 6.07
C ILE A 37 14.22 12.73 4.60
N ASN A 38 14.84 11.90 3.77
CA ASN A 38 14.94 12.11 2.34
C ASN A 38 13.92 11.21 1.65
N VAL A 39 12.88 11.81 1.07
CA VAL A 39 11.80 11.05 0.48
C VAL A 39 11.99 10.95 -1.02
N THR A 40 13.18 10.55 -1.46
CA THR A 40 13.45 10.30 -2.87
C THR A 40 14.31 9.05 -3.00
N THR A 41 14.28 8.47 -4.20
CA THR A 41 15.17 7.35 -4.48
C THR A 41 16.51 7.80 -5.03
N HIS A 42 16.56 8.97 -5.68
CA HIS A 42 17.73 9.36 -6.46
C HIS A 42 18.53 10.51 -5.89
N LEU A 43 17.99 11.27 -4.93
CA LEU A 43 18.79 12.36 -4.40
C LEU A 43 19.83 11.84 -3.42
N PRO A 44 20.99 12.48 -3.34
CA PRO A 44 21.97 12.11 -2.31
C PRO A 44 21.46 12.49 -0.93
N LEU A 45 22.01 11.82 0.07
CA LEU A 45 21.82 12.26 1.45
C LEU A 45 22.79 13.41 1.69
N TYR A 46 22.28 14.64 1.60
CA TYR A 46 23.15 15.81 1.66
C TYR A 46 23.84 15.91 3.01
N HIS A 47 25.12 16.31 2.97
CA HIS A 47 25.97 16.50 4.14
C HIS A 47 26.25 15.20 4.87
N TYR A 48 26.06 14.06 4.19
CA TYR A 48 26.24 12.77 4.85
C TYR A 48 27.66 12.59 5.34
N GLU A 49 28.64 12.98 4.52
CA GLU A 49 30.04 12.70 4.81
C GLU A 49 30.58 13.51 5.97
N LYS A 50 29.82 14.51 6.46
CA LYS A 50 30.23 15.31 7.60
C LYS A 50 29.85 14.70 8.95
N GLY A 51 29.03 13.64 8.96
CA GLY A 51 28.68 12.99 10.21
C GLY A 51 27.98 13.89 11.21
N LEU A 52 27.09 14.75 10.74
CA LEU A 52 26.37 15.69 11.61
C LEU A 52 24.92 15.31 11.87
N PHE A 53 24.29 14.52 11.01
CA PHE A 53 22.87 14.27 11.11
C PHE A 53 22.58 12.77 11.10
N ASN A 54 21.39 12.43 11.60
CA ASN A 54 20.85 11.09 11.47
C ASN A 54 19.92 11.08 10.27
N TYR A 55 20.08 10.09 9.40
CA TYR A 55 19.39 10.08 8.12
C TYR A 55 18.41 8.92 8.03
N LYS A 56 17.37 9.14 7.23
CA LYS A 56 16.44 8.09 6.88
C LYS A 56 15.94 8.38 5.48
N ARG A 57 16.04 7.40 4.60
CA ARG A 57 15.57 7.54 3.22
C ARG A 57 14.28 6.77 3.06
N LEU A 58 13.26 7.44 2.54
CA LEU A 58 12.03 6.77 2.11
C LEU A 58 12.05 6.73 0.59
N PRO A 59 12.52 5.63 -0.03
CA PRO A 59 12.75 5.64 -1.48
C PRO A 59 11.46 5.63 -2.29
N ALA A 60 10.83 6.79 -2.39
CA ALA A 60 9.57 6.96 -3.09
C ALA A 60 9.75 7.81 -4.34
N THR A 61 8.89 7.57 -5.33
CA THR A 61 8.83 8.40 -6.52
C THR A 61 7.58 9.27 -6.46
N ASP A 62 7.51 10.25 -7.35
CA ASP A 62 6.36 11.14 -7.44
C ASP A 62 5.29 10.65 -8.41
N SER A 63 5.11 9.33 -8.50
CA SER A 63 4.20 8.74 -9.48
C SER A 63 2.78 8.62 -8.92
N ASN A 64 1.84 8.35 -9.82
CA ASN A 64 0.45 8.12 -9.45
C ASN A 64 0.21 6.71 -8.91
N LYS A 65 1.24 5.86 -8.86
CA LYS A 65 1.11 4.54 -8.25
C LYS A 65 2.03 4.34 -7.06
N GLN A 66 2.82 5.33 -6.69
CA GLN A 66 3.71 5.20 -5.54
C GLN A 66 2.92 5.05 -4.25
N ASN A 67 3.29 4.07 -3.43
CA ASN A 67 2.69 3.83 -2.12
C ASN A 67 3.53 4.55 -1.07
N LEU A 68 2.96 5.57 -0.44
CA LEU A 68 3.61 6.25 0.67
C LEU A 68 3.10 5.81 2.03
N ARG A 69 1.86 5.31 2.10
CA ARG A 69 1.29 4.87 3.37
C ARG A 69 2.18 3.86 4.07
N GLN A 70 2.87 3.00 3.31
CA GLN A 70 3.73 1.98 3.90
C GLN A 70 4.87 2.57 4.72
N TYR A 71 5.22 3.84 4.50
CA TYR A 71 6.34 4.47 5.17
C TYR A 71 5.91 5.34 6.34
N PHE A 72 4.61 5.49 6.58
CA PHE A 72 4.14 6.44 7.60
C PHE A 72 4.69 6.11 8.98
N GLU A 73 4.51 4.87 9.43
CA GLU A 73 4.93 4.49 10.78
C GLU A 73 6.43 4.62 10.97
N GLU A 74 7.21 4.21 9.98
CA GLU A 74 8.66 4.38 10.07
C GLU A 74 9.04 5.86 10.19
N ALA A 75 8.37 6.72 9.43
CA ALA A 75 8.67 8.15 9.53
C ALA A 75 8.25 8.72 10.87
N PHE A 76 7.10 8.28 11.40
CA PHE A 76 6.64 8.81 12.69
C PHE A 76 7.59 8.44 13.81
N GLU A 77 8.14 7.22 13.78
CA GLU A 77 9.10 6.80 14.78
C GLU A 77 10.36 7.67 14.75
N PHE A 78 10.81 8.05 13.54
CA PHE A 78 11.97 8.92 13.43
C PHE A 78 11.67 10.32 13.95
N ILE A 79 10.50 10.87 13.61
CA ILE A 79 10.09 12.18 14.11
C ILE A 79 9.99 12.16 15.62
N GLU A 80 9.45 11.07 16.18
CA GLU A 80 9.29 10.97 17.62
C GLU A 80 10.65 10.92 18.32
N GLU A 81 11.65 10.28 17.69
CA GLU A 81 12.99 10.27 18.26
C GLU A 81 13.59 11.67 18.28
N ALA A 82 13.39 12.46 17.22
CA ALA A 82 13.86 13.84 17.22
C ALA A 82 13.15 14.66 18.28
N HIS A 83 11.84 14.45 18.43
CA HIS A 83 11.06 15.19 19.40
C HIS A 83 11.55 14.93 20.83
N GLN A 84 11.84 13.66 21.15
CA GLN A 84 12.18 13.29 22.51
C GLN A 84 13.55 13.80 22.93
N CYS A 85 14.47 14.01 21.98
CA CYS A 85 15.78 14.56 22.31
C CYS A 85 15.88 16.06 22.04
N GLY A 86 14.76 16.73 21.75
CA GLY A 86 14.78 18.17 21.56
C GLY A 86 15.52 18.66 20.33
N LYS A 87 15.54 17.88 19.27
CA LYS A 87 16.23 18.25 18.04
C LYS A 87 15.21 18.42 16.93
N GLY A 88 15.59 19.18 15.92
CA GLY A 88 14.73 19.39 14.78
C GLY A 88 14.95 18.32 13.72
N LEU A 89 13.89 18.07 12.95
CA LEU A 89 13.92 17.11 11.86
C LEU A 89 13.48 17.81 10.58
N LEU A 90 14.22 17.59 9.50
CA LEU A 90 13.89 18.11 8.19
C LEU A 90 13.46 16.97 7.30
N ILE A 91 12.29 17.10 6.69
CA ILE A 91 11.84 16.16 5.67
C ILE A 91 11.76 16.91 4.35
N HIS A 92 12.33 16.33 3.30
CA HIS A 92 12.42 17.01 2.02
C HIS A 92 12.31 16.00 0.90
N CYS A 93 11.81 16.47 -0.24
CA CYS A 93 11.93 15.75 -1.49
C CYS A 93 12.38 16.72 -2.57
N GLN A 94 11.52 17.04 -3.53
CA GLN A 94 11.91 17.95 -4.60
C GLN A 94 11.01 19.18 -4.68
N ALA A 95 11.01 19.86 -5.83
CA ALA A 95 10.51 21.24 -5.92
C ALA A 95 9.09 21.39 -5.38
N GLY A 96 8.18 20.53 -5.79
CA GLY A 96 6.80 20.70 -5.37
C GLY A 96 6.44 20.15 -4.00
N VAL A 97 7.41 19.58 -3.29
CA VAL A 97 7.29 18.96 -1.96
C VAL A 97 6.07 18.06 -1.84
N SER A 98 5.69 17.38 -2.92
CA SER A 98 4.51 16.52 -2.87
C SER A 98 4.72 15.33 -1.94
N ARG A 99 5.88 14.70 -2.01
CA ARG A 99 6.15 13.52 -1.18
C ARG A 99 6.33 13.90 0.29
N SER A 100 7.15 14.91 0.56
CA SER A 100 7.44 15.25 1.95
C SER A 100 6.23 15.88 2.64
N ALA A 101 5.45 16.70 1.92
CA ALA A 101 4.27 17.30 2.53
C ALA A 101 3.21 16.25 2.87
N THR A 102 3.16 15.15 2.12
CA THR A 102 2.24 14.07 2.46
C THR A 102 2.56 13.48 3.82
N ILE A 103 3.85 13.20 4.07
CA ILE A 103 4.24 12.61 5.35
C ILE A 103 4.06 13.61 6.49
N VAL A 104 4.34 14.89 6.24
CA VAL A 104 4.12 15.91 7.26
C VAL A 104 2.64 15.98 7.63
N ILE A 105 1.76 16.01 6.62
CA ILE A 105 0.32 16.08 6.88
C ILE A 105 -0.14 14.84 7.65
N ALA A 106 0.36 13.66 7.27
CA ALA A 106 -0.02 12.45 7.98
C ALA A 106 0.42 12.50 9.45
N TYR A 107 1.59 13.07 9.71
CA TYR A 107 2.04 13.20 11.09
C TYR A 107 1.13 14.12 11.87
N LEU A 108 0.73 15.25 11.28
CA LEU A 108 -0.18 16.17 11.96
C LEU A 108 -1.52 15.51 12.23
N MET A 109 -1.98 14.64 11.32
CA MET A 109 -3.26 13.97 11.51
C MET A 109 -3.21 13.02 12.69
N LYS A 110 -2.12 12.23 12.79
CA LYS A 110 -2.05 11.20 13.82
C LYS A 110 -1.57 11.77 15.16
N HIS A 111 -0.53 12.60 15.15
CA HIS A 111 0.10 13.03 16.39
C HIS A 111 -0.32 14.42 16.86
N THR A 112 -0.97 15.21 16.02
CA THR A 112 -1.57 16.47 16.46
C THR A 112 -3.09 16.41 16.44
N ARG A 113 -3.65 15.30 15.98
CA ARG A 113 -5.09 15.04 15.99
C ARG A 113 -5.85 16.11 15.20
N MET A 114 -5.30 16.52 14.05
CA MET A 114 -6.00 17.38 13.11
C MET A 114 -6.70 16.54 12.06
N THR A 115 -7.76 17.11 11.48
CA THR A 115 -8.35 16.45 10.32
C THR A 115 -7.41 16.61 9.13
N MET A 116 -7.62 15.77 8.12
CA MET A 116 -6.81 15.87 6.89
C MET A 116 -6.90 17.27 6.29
N THR A 117 -8.11 17.81 6.21
CA THR A 117 -8.32 19.13 5.63
C THR A 117 -7.62 20.22 6.44
N ASP A 118 -7.80 20.19 7.77
CA ASP A 118 -7.17 21.20 8.61
C ASP A 118 -5.65 21.08 8.57
N ALA A 119 -5.13 19.85 8.51
CA ALA A 119 -3.68 19.67 8.41
C ALA A 119 -3.14 20.18 7.09
N TYR A 120 -3.86 19.94 5.99
CA TYR A 120 -3.42 20.47 4.69
C TYR A 120 -3.41 21.98 4.71
N LYS A 121 -4.52 22.58 5.16
CA LYS A 121 -4.62 24.03 5.25
C LYS A 121 -3.53 24.61 6.15
N PHE A 122 -3.22 23.91 7.23
CA PHE A 122 -2.16 24.37 8.13
C PHE A 122 -0.81 24.36 7.43
N VAL A 123 -0.49 23.27 6.73
CA VAL A 123 0.79 23.21 6.02
C VAL A 123 0.79 24.18 4.85
N LYS A 124 -0.32 24.26 4.11
CA LYS A 124 -0.40 25.13 2.95
C LYS A 124 -0.23 26.60 3.34
N GLY A 125 -0.71 26.99 4.52
CA GLY A 125 -0.53 28.36 4.97
C GLY A 125 0.92 28.72 5.21
N LYS A 126 1.74 27.73 5.62
CA LYS A 126 3.15 27.98 5.85
C LYS A 126 4.02 27.69 4.65
N ARG A 127 3.64 26.74 3.79
CA ARG A 127 4.37 26.40 2.57
C ARG A 127 3.40 26.54 1.41
N PRO A 128 3.30 27.74 0.83
CA PRO A 128 2.24 27.99 -0.17
C PRO A 128 2.33 27.15 -1.43
N ILE A 129 3.52 26.76 -1.86
CA ILE A 129 3.70 26.07 -3.12
C ILE A 129 3.77 24.58 -2.83
N ILE A 130 2.68 23.87 -3.16
CA ILE A 130 2.60 22.42 -2.98
C ILE A 130 1.97 21.84 -4.24
N SER A 131 2.68 20.92 -4.89
CA SER A 131 2.16 20.31 -6.11
C SER A 131 1.15 19.23 -5.75
N PRO A 132 -0.04 19.23 -6.35
CA PRO A 132 -1.04 18.21 -6.00
C PRO A 132 -0.66 16.85 -6.55
N ASN A 133 -1.01 15.82 -5.78
CA ASN A 133 -0.88 14.43 -6.22
C ASN A 133 -2.12 13.69 -5.73
N LEU A 134 -3.04 13.38 -6.65
CA LEU A 134 -4.31 12.76 -6.28
C LEU A 134 -4.10 11.40 -5.63
N ASN A 135 -3.07 10.67 -6.05
CA ASN A 135 -2.77 9.39 -5.44
C ASN A 135 -2.42 9.55 -3.96
N PHE A 136 -1.53 10.48 -3.64
CA PHE A 136 -1.17 10.71 -2.25
C PHE A 136 -2.36 11.25 -1.46
N MET A 137 -3.18 12.10 -2.09
CA MET A 137 -4.38 12.61 -1.43
C MET A 137 -5.32 11.47 -1.06
N GLY A 138 -5.53 10.52 -1.97
CA GLY A 138 -6.36 9.39 -1.66
C GLY A 138 -5.83 8.57 -0.51
N GLN A 139 -4.50 8.45 -0.41
CA GLN A 139 -3.91 7.71 0.70
C GLN A 139 -4.11 8.44 2.02
N LEU A 140 -4.06 9.77 2.00
CA LEU A 140 -4.32 10.52 3.22
C LEU A 140 -5.78 10.40 3.65
N LEU A 141 -6.70 10.33 2.69
CA LEU A 141 -8.11 10.17 3.04
C LEU A 141 -8.36 8.80 3.66
N GLU A 142 -7.73 7.76 3.13
CA GLU A 142 -7.86 6.44 3.74
C GLU A 142 -7.16 6.40 5.09
N PHE A 143 -6.07 7.15 5.25
CA PHE A 143 -5.40 7.25 6.54
C PHE A 143 -6.29 7.93 7.57
N GLU A 144 -7.04 8.96 7.15
CA GLU A 144 -7.94 9.62 8.09
C GLU A 144 -9.03 8.68 8.58
N GLU A 145 -9.59 7.87 7.68
CA GLU A 145 -10.64 6.94 8.10
C GLU A 145 -10.10 5.86 9.03
N ASP A 146 -8.87 5.40 8.80
CA ASP A 146 -8.30 4.42 9.70
C ASP A 146 -8.06 5.02 11.08
N LEU A 147 -7.65 6.28 11.13
CA LEU A 147 -7.47 6.96 12.40
C LEU A 147 -8.80 7.14 13.12
N ASN A 148 -9.85 7.53 12.38
CA ASN A 148 -11.15 7.73 13.00
C ASN A 148 -11.76 6.42 13.49
N ASN A 149 -11.29 5.28 12.97
CA ASN A 149 -11.77 3.99 13.41
C ASN A 149 -10.82 3.30 14.40
N GLY A 150 -9.64 3.87 14.63
CA GLY A 150 -8.67 3.29 15.54
C GLY A 150 -8.07 2.00 15.01
N VAL A 151 -7.65 1.99 13.76
CA VAL A 151 -7.12 0.77 13.13
C VAL A 151 -5.61 0.87 12.87
N HIS B 3 -17.64 19.10 23.84
CA HIS B 3 -17.18 17.72 24.03
C HIS B 3 -17.99 17.01 25.11
N MET B 4 -18.54 15.85 24.75
CA MET B 4 -19.27 15.00 25.70
C MET B 4 -18.29 13.99 26.29
N ALA B 5 -18.20 13.99 27.62
CA ALA B 5 -17.18 13.25 28.35
C ALA B 5 -17.66 11.84 28.65
N GLU B 6 -17.14 10.87 27.92
CA GLU B 6 -17.49 9.47 28.15
C GLU B 6 -16.36 8.85 28.97
N LEU B 7 -16.67 8.55 30.23
CA LEU B 7 -15.77 7.84 31.12
C LEU B 7 -16.25 6.39 31.11
N THR B 8 -15.60 5.57 30.31
CA THR B 8 -16.11 4.22 30.05
C THR B 8 -15.93 3.32 31.27
N PRO B 9 -17.01 2.80 31.84
CA PRO B 9 -16.85 1.83 32.94
C PRO B 9 -16.43 0.45 32.43
N ILE B 10 -15.15 0.12 32.59
CA ILE B 10 -14.70 -1.24 32.27
C ILE B 10 -15.20 -2.22 33.31
N LEU B 11 -14.97 -1.90 34.58
CA LEU B 11 -15.56 -2.54 35.73
C LEU B 11 -16.29 -1.46 36.52
N PRO B 12 -17.19 -1.82 37.43
CA PRO B 12 -17.93 -0.79 38.19
C PRO B 12 -17.06 0.26 38.87
N PHE B 13 -15.80 -0.07 39.16
CA PHE B 13 -14.88 0.83 39.85
C PHE B 13 -13.70 1.26 38.99
N LEU B 14 -13.63 0.81 37.74
CA LEU B 14 -12.49 1.09 36.87
C LEU B 14 -12.99 1.73 35.59
N PHE B 15 -12.56 2.97 35.34
CA PHE B 15 -13.02 3.75 34.20
C PHE B 15 -11.84 4.07 33.29
N LEU B 16 -12.12 4.20 32.00
CA LEU B 16 -11.11 4.44 30.99
C LEU B 16 -11.52 5.65 30.15
N GLY B 17 -10.56 6.51 29.84
CA GLY B 17 -10.89 7.68 29.04
C GLY B 17 -9.66 8.32 28.44
N ASN B 18 -9.88 9.38 27.67
CA ASN B 18 -8.78 10.14 27.10
C ASN B 18 -8.61 11.45 27.88
N GLU B 19 -7.77 12.35 27.35
CA GLU B 19 -7.41 13.56 28.07
C GLU B 19 -8.61 14.50 28.23
N GLN B 20 -9.46 14.55 27.22
CA GLN B 20 -10.64 15.42 27.26
C GLN B 20 -11.72 14.87 28.18
N ASP B 21 -11.84 13.54 28.27
CA ASP B 21 -12.78 12.96 29.24
C ASP B 21 -12.33 13.24 30.67
N ALA B 22 -11.03 13.29 30.92
CA ALA B 22 -10.51 13.49 32.26
C ALA B 22 -10.70 14.91 32.77
N GLN B 23 -11.12 15.84 31.92
CA GLN B 23 -11.26 17.23 32.35
C GLN B 23 -12.67 17.57 32.80
N ASP B 24 -13.60 16.62 32.78
CA ASP B 24 -14.99 16.84 33.18
C ASP B 24 -15.12 16.51 34.67
N LEU B 25 -15.03 17.54 35.52
CA LEU B 25 -15.08 17.31 36.96
C LEU B 25 -16.43 16.78 37.40
N ASP B 26 -17.53 17.29 36.81
CA ASP B 26 -18.87 16.91 37.24
C ASP B 26 -19.14 15.43 36.98
N THR B 27 -18.75 14.93 35.81
CA THR B 27 -18.94 13.51 35.50
C THR B 27 -18.12 12.63 36.44
N MET B 28 -16.91 13.08 36.80
CA MET B 28 -16.07 12.30 37.69
C MET B 28 -16.70 12.14 39.06
N GLN B 29 -17.30 13.22 39.59
CA GLN B 29 -17.95 13.13 40.89
C GLN B 29 -19.23 12.31 40.81
N ARG B 30 -19.93 12.38 39.67
CA ARG B 30 -21.13 11.58 39.46
C ARG B 30 -20.82 10.09 39.51
N LEU B 31 -19.65 9.69 39.04
CA LEU B 31 -19.25 8.29 38.98
C LEU B 31 -18.49 7.84 40.23
N ASN B 32 -18.46 8.67 41.28
CA ASN B 32 -17.84 8.32 42.56
C ASN B 32 -16.37 7.96 42.41
N ILE B 33 -15.68 8.69 41.55
CA ILE B 33 -14.25 8.46 41.31
C ILE B 33 -13.45 9.22 42.35
N GLY B 34 -12.51 8.53 42.99
CA GLY B 34 -11.67 9.17 43.99
C GLY B 34 -10.20 9.00 43.69
N TYR B 35 -9.89 8.26 42.63
CA TYR B 35 -8.52 7.94 42.25
C TYR B 35 -8.36 8.17 40.75
N VAL B 36 -7.22 8.72 40.36
CA VAL B 36 -6.92 9.02 38.96
C VAL B 36 -5.51 8.51 38.65
N ILE B 37 -5.37 7.78 37.55
CA ILE B 37 -4.07 7.39 37.02
C ILE B 37 -3.87 8.12 35.70
N ASN B 38 -2.83 8.95 35.63
CA ASN B 38 -2.49 9.72 34.44
C ASN B 38 -1.29 9.04 33.78
N VAL B 39 -1.52 8.44 32.60
CA VAL B 39 -0.47 7.69 31.93
C VAL B 39 0.18 8.55 30.86
N THR B 40 0.58 9.76 31.22
CA THR B 40 1.31 10.64 30.32
C THR B 40 2.46 11.27 31.07
N THR B 41 3.44 11.76 30.32
CA THR B 41 4.53 12.48 30.94
C THR B 41 4.29 13.99 30.99
N HIS B 42 3.48 14.54 30.07
CA HIS B 42 3.40 15.98 29.89
C HIS B 42 2.06 16.60 30.27
N LEU B 43 1.01 15.81 30.39
CA LEU B 43 -0.28 16.41 30.72
C LEU B 43 -0.33 16.77 32.21
N PRO B 44 -1.07 17.82 32.57
CA PRO B 44 -1.25 18.13 33.99
C PRO B 44 -2.13 17.08 34.67
N LEU B 45 -2.01 17.02 35.99
CA LEU B 45 -2.94 16.25 36.81
C LEU B 45 -4.19 17.11 36.98
N TYR B 46 -5.22 16.83 36.18
CA TYR B 46 -6.40 17.68 36.15
C TYR B 46 -7.09 17.68 37.51
N HIS B 47 -7.54 18.88 37.92
CA HIS B 47 -8.27 19.11 39.17
C HIS B 47 -7.43 18.86 40.41
N TYR B 48 -6.10 18.90 40.28
CA TYR B 48 -5.24 18.62 41.42
C TYR B 48 -5.46 19.61 42.56
N GLU B 49 -5.53 20.90 42.23
CA GLU B 49 -5.60 21.91 43.29
C GLU B 49 -6.94 21.94 44.00
N LYS B 50 -7.93 21.17 43.55
CA LYS B 50 -9.21 21.10 44.25
C LYS B 50 -9.17 20.09 45.39
N GLY B 51 -8.11 19.28 45.48
CA GLY B 51 -7.94 18.34 46.57
C GLY B 51 -9.06 17.32 46.71
N LEU B 52 -9.57 16.82 45.59
CA LEU B 52 -10.67 15.86 45.62
C LEU B 52 -10.24 14.44 45.34
N PHE B 53 -9.13 14.23 44.64
CA PHE B 53 -8.75 12.89 44.19
C PHE B 53 -7.32 12.57 44.62
N ASN B 54 -7.02 11.28 44.65
CA ASN B 54 -5.66 10.77 44.80
C ASN B 54 -5.11 10.42 43.43
N TYR B 55 -3.90 10.88 43.15
CA TYR B 55 -3.33 10.80 41.82
C TYR B 55 -2.11 9.88 41.78
N LYS B 56 -1.87 9.33 40.59
CA LYS B 56 -0.65 8.60 40.29
C LYS B 56 -0.31 8.84 38.83
N ARG B 57 0.91 9.27 38.57
CA ARG B 57 1.37 9.51 37.22
C ARG B 57 2.31 8.38 36.80
N LEU B 58 2.01 7.78 35.65
CA LEU B 58 2.91 6.84 34.99
C LEU B 58 3.49 7.57 33.79
N PRO B 59 4.66 8.18 33.91
CA PRO B 59 5.17 9.06 32.84
C PRO B 59 5.63 8.30 31.60
N ALA B 60 4.68 7.86 30.79
CA ALA B 60 4.93 7.08 29.58
C ALA B 60 4.59 7.87 28.32
N THR B 61 5.27 7.55 27.23
CA THR B 61 4.93 8.08 25.92
C THR B 61 4.28 6.97 25.10
N ASP B 62 3.67 7.35 23.98
CA ASP B 62 3.00 6.42 23.07
C ASP B 62 3.92 5.88 21.99
N SER B 63 5.19 5.64 22.32
CA SER B 63 6.22 5.21 21.40
C SER B 63 6.30 3.70 21.26
N ASN B 64 7.03 3.25 20.25
CA ASN B 64 7.30 1.83 20.06
C ASN B 64 8.41 1.31 20.98
N LYS B 65 9.00 2.17 21.82
CA LYS B 65 10.04 1.72 22.73
C LYS B 65 9.65 1.88 24.19
N GLN B 66 8.49 2.46 24.48
CA GLN B 66 8.08 2.69 25.86
C GLN B 66 7.81 1.37 26.57
N ASN B 67 8.35 1.22 27.77
CA ASN B 67 8.11 0.06 28.60
C ASN B 67 6.95 0.39 29.53
N LEU B 68 5.83 -0.31 29.34
CA LEU B 68 4.69 -0.16 30.24
C LEU B 68 4.62 -1.28 31.27
N ARG B 69 5.20 -2.45 30.97
CA ARG B 69 5.20 -3.58 31.90
C ARG B 69 5.77 -3.19 33.26
N GLN B 70 6.75 -2.29 33.28
CA GLN B 70 7.37 -1.88 34.53
C GLN B 70 6.39 -1.20 35.47
N TYR B 71 5.27 -0.70 34.95
CA TYR B 71 4.30 0.03 35.77
C TYR B 71 3.12 -0.84 36.19
N PHE B 72 3.04 -2.09 35.73
CA PHE B 72 1.84 -2.90 35.94
C PHE B 72 1.54 -3.07 37.42
N GLU B 73 2.52 -3.56 38.19
CA GLU B 73 2.26 -3.85 39.60
C GLU B 73 1.90 -2.57 40.36
N GLU B 74 2.62 -1.49 40.09
CA GLU B 74 2.29 -0.21 40.73
C GLU B 74 0.88 0.23 40.40
N ALA B 75 0.45 0.07 39.15
CA ALA B 75 -0.91 0.45 38.78
C ALA B 75 -1.94 -0.48 39.42
N PHE B 76 -1.62 -1.77 39.51
CA PHE B 76 -2.56 -2.71 40.12
C PHE B 76 -2.78 -2.39 41.59
N GLU B 77 -1.71 -2.02 42.31
CA GLU B 77 -1.84 -1.64 43.71
C GLU B 77 -2.75 -0.43 43.87
N PHE B 78 -2.62 0.55 42.97
CA PHE B 78 -3.46 1.74 43.07
C PHE B 78 -4.92 1.41 42.79
N ILE B 79 -5.18 0.57 41.78
CA ILE B 79 -6.54 0.17 41.47
C ILE B 79 -7.17 -0.58 42.66
N GLU B 80 -6.40 -1.48 43.27
CA GLU B 80 -6.92 -2.25 44.40
C GLU B 80 -7.19 -1.36 45.61
N GLU B 81 -6.40 -0.31 45.80
CA GLU B 81 -6.68 0.59 46.90
C GLU B 81 -8.03 1.28 46.71
N ALA B 82 -8.32 1.71 45.48
CA ALA B 82 -9.64 2.26 45.18
C ALA B 82 -10.72 1.19 45.29
N HIS B 83 -10.43 0.01 44.76
CA HIS B 83 -11.42 -1.08 44.76
C HIS B 83 -11.82 -1.47 46.18
N GLN B 84 -10.84 -1.58 47.08
CA GLN B 84 -11.13 -2.08 48.42
C GLN B 84 -11.83 -1.06 49.33
N CYS B 85 -11.71 0.24 49.06
CA CYS B 85 -12.43 1.24 49.84
C CYS B 85 -13.72 1.70 49.17
N GLY B 86 -14.18 1.01 48.14
CA GLY B 86 -15.45 1.35 47.51
C GLY B 86 -15.49 2.65 46.73
N LYS B 87 -14.36 3.06 46.16
CA LYS B 87 -14.30 4.26 45.35
C LYS B 87 -13.91 3.88 43.92
N GLY B 88 -14.24 4.75 42.97
CA GLY B 88 -13.91 4.51 41.58
C GLY B 88 -12.54 5.06 41.21
N LEU B 89 -11.95 4.47 40.17
CA LEU B 89 -10.66 4.91 39.65
C LEU B 89 -10.78 5.19 38.16
N LEU B 90 -10.21 6.31 37.72
CA LEU B 90 -10.13 6.65 36.31
C LEU B 90 -8.68 6.58 35.86
N ILE B 91 -8.43 5.85 34.80
CA ILE B 91 -7.12 5.82 34.15
C ILE B 91 -7.28 6.41 32.75
N HIS B 92 -6.39 7.34 32.40
CA HIS B 92 -6.51 8.05 31.14
C HIS B 92 -5.13 8.36 30.59
N CYS B 93 -5.05 8.47 29.27
CA CYS B 93 -3.88 9.05 28.61
C CYS B 93 -4.35 10.06 27.58
N GLN B 94 -4.18 9.76 26.29
CA GLN B 94 -4.62 10.69 25.26
C GLN B 94 -5.60 10.03 24.28
N ALA B 95 -5.76 10.64 23.10
CA ALA B 95 -6.92 10.40 22.24
C ALA B 95 -7.16 8.92 21.96
N GLY B 96 -6.13 8.18 21.57
CA GLY B 96 -6.34 6.79 21.20
C GLY B 96 -6.38 5.79 22.34
N VAL B 97 -6.23 6.25 23.58
CA VAL B 97 -6.20 5.46 24.82
C VAL B 97 -5.33 4.21 24.72
N SER B 98 -4.24 4.29 23.94
CA SER B 98 -3.38 3.13 23.79
C SER B 98 -2.65 2.79 25.08
N ARG B 99 -2.13 3.80 25.78
CA ARG B 99 -1.38 3.55 27.00
C ARG B 99 -2.28 3.06 28.13
N SER B 100 -3.40 3.76 28.36
CA SER B 100 -4.26 3.41 29.49
C SER B 100 -4.99 2.08 29.25
N ALA B 101 -5.38 1.81 28.00
CA ALA B 101 -6.05 0.53 27.72
C ALA B 101 -5.10 -0.65 27.91
N THR B 102 -3.80 -0.43 27.74
CA THR B 102 -2.85 -1.51 28.00
C THR B 102 -2.87 -1.92 29.47
N ILE B 103 -2.86 -0.93 30.36
CA ILE B 103 -2.84 -1.22 31.79
C ILE B 103 -4.16 -1.83 32.23
N VAL B 104 -5.28 -1.37 31.65
CA VAL B 104 -6.58 -1.94 31.98
C VAL B 104 -6.64 -3.41 31.57
N ILE B 105 -6.19 -3.71 30.34
CA ILE B 105 -6.19 -5.08 29.87
C ILE B 105 -5.28 -5.94 30.74
N ALA B 106 -4.10 -5.41 31.09
CA ALA B 106 -3.19 -6.14 31.96
C ALA B 106 -3.82 -6.40 33.32
N TYR B 107 -4.58 -5.43 33.83
CA TYR B 107 -5.27 -5.64 35.09
C TYR B 107 -6.32 -6.73 34.95
N LEU B 108 -7.09 -6.72 33.87
CA LEU B 108 -8.10 -7.76 33.67
C LEU B 108 -7.46 -9.13 33.53
N MET B 109 -6.29 -9.20 32.91
CA MET B 109 -5.62 -10.48 32.74
C MET B 109 -5.19 -11.07 34.07
N LYS B 110 -4.62 -10.23 34.95
CA LYS B 110 -4.08 -10.74 36.21
C LYS B 110 -5.18 -10.91 37.25
N HIS B 111 -6.06 -9.92 37.41
CA HIS B 111 -6.98 -9.91 38.53
C HIS B 111 -8.36 -10.45 38.20
N THR B 112 -8.71 -10.62 36.92
CA THR B 112 -9.93 -11.33 36.55
C THR B 112 -9.65 -12.63 35.82
N ARG B 113 -8.38 -12.98 35.59
CA ARG B 113 -7.97 -14.25 34.99
C ARG B 113 -8.61 -14.47 33.62
N MET B 114 -8.63 -13.41 32.83
CA MET B 114 -8.98 -13.52 31.42
C MET B 114 -7.71 -13.69 30.60
N THR B 115 -7.87 -14.29 29.42
CA THR B 115 -6.77 -14.31 28.46
C THR B 115 -6.57 -12.92 27.88
N MET B 116 -5.42 -12.72 27.23
CA MET B 116 -5.15 -11.44 26.59
C MET B 116 -6.22 -11.09 25.56
N THR B 117 -6.60 -12.07 24.74
CA THR B 117 -7.60 -11.84 23.70
C THR B 117 -8.97 -11.53 24.29
N ASP B 118 -9.39 -12.30 25.29
CA ASP B 118 -10.71 -12.06 25.90
C ASP B 118 -10.74 -10.73 26.61
N ALA B 119 -9.64 -10.36 27.27
CA ALA B 119 -9.58 -9.06 27.95
C ALA B 119 -9.65 -7.91 26.96
N TYR B 120 -8.97 -8.05 25.81
CA TYR B 120 -9.05 -7.02 24.78
C TYR B 120 -10.46 -6.87 24.24
N LYS B 121 -11.09 -7.98 23.83
CA LYS B 121 -12.46 -7.89 23.32
C LYS B 121 -13.40 -7.31 24.37
N PHE B 122 -13.18 -7.64 25.64
CA PHE B 122 -14.00 -7.10 26.72
C PHE B 122 -13.91 -5.58 26.79
N VAL B 123 -12.69 -5.05 26.73
CA VAL B 123 -12.50 -3.60 26.74
C VAL B 123 -12.98 -2.99 25.43
N LYS B 124 -12.68 -3.65 24.30
CA LYS B 124 -13.08 -3.14 22.99
C LYS B 124 -14.59 -3.04 22.85
N GLY B 125 -15.34 -3.97 23.45
CA GLY B 125 -16.79 -3.91 23.38
C GLY B 125 -17.38 -2.71 24.10
N LYS B 126 -16.70 -2.22 25.14
CA LYS B 126 -17.16 -1.07 25.91
C LYS B 126 -16.57 0.25 25.43
N ARG B 127 -15.34 0.23 24.90
CA ARG B 127 -14.65 1.40 24.34
C ARG B 127 -14.29 1.01 22.90
N PRO B 128 -15.16 1.30 21.94
CA PRO B 128 -14.95 0.79 20.58
C PRO B 128 -13.67 1.28 19.91
N ILE B 129 -13.21 2.48 20.23
CA ILE B 129 -12.06 3.07 19.55
C ILE B 129 -10.83 2.91 20.43
N ILE B 130 -9.93 2.02 20.01
CA ILE B 130 -8.65 1.80 20.70
C ILE B 130 -7.56 1.74 19.64
N SER B 131 -6.60 2.65 19.71
CA SER B 131 -5.53 2.72 18.72
C SER B 131 -4.51 1.61 18.96
N PRO B 132 -4.13 0.87 17.92
CA PRO B 132 -3.15 -0.21 18.11
C PRO B 132 -1.75 0.32 18.39
N ASN B 133 -1.01 -0.44 19.20
CA ASN B 133 0.40 -0.21 19.46
C ASN B 133 1.07 -1.57 19.54
N LEU B 134 1.83 -1.94 18.51
CA LEU B 134 2.42 -3.28 18.44
C LEU B 134 3.39 -3.52 19.57
N ASN B 135 4.11 -2.49 20.02
CA ASN B 135 5.02 -2.63 21.15
C ASN B 135 4.25 -3.00 22.41
N PHE B 136 3.16 -2.28 22.68
CA PHE B 136 2.35 -2.59 23.87
C PHE B 136 1.69 -3.96 23.76
N MET B 137 1.27 -4.34 22.55
CA MET B 137 0.68 -5.67 22.36
C MET B 137 1.69 -6.76 22.70
N GLY B 138 2.93 -6.62 22.24
CA GLY B 138 3.95 -7.61 22.56
C GLY B 138 4.18 -7.74 24.05
N GLN B 139 4.08 -6.62 24.78
CA GLN B 139 4.27 -6.67 26.22
C GLN B 139 3.12 -7.40 26.91
N LEU B 140 1.90 -7.24 26.39
CA LEU B 140 0.77 -7.98 26.94
C LEU B 140 0.89 -9.48 26.64
N LEU B 141 1.42 -9.83 25.46
CA LEU B 141 1.61 -11.23 25.12
C LEU B 141 2.67 -11.88 25.99
N GLU B 142 3.75 -11.15 26.27
CA GLU B 142 4.76 -11.68 27.18
C GLU B 142 4.24 -11.74 28.61
N PHE B 143 3.37 -10.79 28.97
CA PHE B 143 2.74 -10.83 30.28
C PHE B 143 1.85 -12.05 30.44
N GLU B 144 1.12 -12.41 29.37
CA GLU B 144 0.27 -13.60 29.43
C GLU B 144 1.09 -14.86 29.67
N GLU B 145 2.25 -14.96 29.02
CA GLU B 145 3.10 -16.14 29.21
C GLU B 145 3.66 -16.19 30.62
N ASP B 146 3.97 -15.02 31.21
CA ASP B 146 4.47 -14.97 32.57
C ASP B 146 3.39 -15.34 33.58
N LEU B 147 2.13 -14.95 33.32
CA LEU B 147 1.04 -15.33 34.20
C LEU B 147 0.79 -16.83 34.16
N ASN B 148 0.83 -17.42 32.96
CA ASN B 148 0.60 -18.85 32.83
C ASN B 148 1.73 -19.68 33.43
N ASN B 149 2.90 -19.08 33.65
CA ASN B 149 4.04 -19.75 34.26
C ASN B 149 4.19 -19.42 35.74
N GLY B 150 3.33 -18.57 36.29
CA GLY B 150 3.36 -18.23 37.70
C GLY B 150 4.62 -17.52 38.14
N VAL B 151 4.99 -16.45 37.42
CA VAL B 151 6.18 -15.68 37.77
C VAL B 151 5.82 -14.22 37.98
N ALA C 5 37.96 7.03 -16.56
CA ALA C 5 36.71 6.30 -16.38
C ALA C 5 36.89 4.81 -16.65
N GLU C 6 37.04 4.03 -15.59
CA GLU C 6 37.25 2.59 -15.68
C GLU C 6 35.95 1.87 -15.36
N LEU C 7 35.28 1.36 -16.39
CA LEU C 7 34.13 0.49 -16.23
C LEU C 7 34.62 -0.93 -16.50
N THR C 8 34.96 -1.66 -15.45
CA THR C 8 35.63 -2.94 -15.61
C THR C 8 34.65 -3.99 -16.13
N PRO C 9 34.87 -4.55 -17.31
CA PRO C 9 34.00 -5.64 -17.77
C PRO C 9 34.33 -6.96 -17.09
N ILE C 10 33.53 -7.33 -16.09
CA ILE C 10 33.71 -8.64 -15.46
C ILE C 10 33.25 -9.74 -16.40
N LEU C 11 32.01 -9.63 -16.87
CA LEU C 11 31.41 -10.44 -17.92
C LEU C 11 30.94 -9.51 -19.02
N PRO C 12 30.63 -10.03 -20.22
CA PRO C 12 30.18 -9.16 -21.32
C PRO C 12 29.01 -8.22 -20.97
N PHE C 13 28.21 -8.60 -19.98
CA PHE C 13 27.04 -7.83 -19.58
C PHE C 13 27.12 -7.25 -18.16
N LEU C 14 28.21 -7.49 -17.43
CA LEU C 14 28.34 -7.09 -16.04
C LEU C 14 29.60 -6.24 -15.85
N PHE C 15 29.43 -5.00 -15.43
CA PHE C 15 30.52 -4.05 -15.27
C PHE C 15 30.63 -3.60 -13.81
N LEU C 16 31.86 -3.26 -13.41
CA LEU C 16 32.16 -2.88 -12.03
C LEU C 16 32.90 -1.54 -12.02
N GLY C 17 32.54 -0.68 -11.07
CA GLY C 17 33.20 0.61 -10.99
C GLY C 17 33.00 1.28 -9.65
N ASN C 18 33.65 2.43 -9.50
CA ASN C 18 33.54 3.25 -8.29
C ASN C 18 32.67 4.48 -8.56
N GLU C 19 32.70 5.42 -7.61
CA GLU C 19 31.83 6.59 -7.65
C GLU C 19 32.12 7.49 -8.85
N GLN C 20 33.40 7.68 -9.18
CA GLN C 20 33.73 8.52 -10.33
C GLN C 20 33.44 7.83 -11.66
N ASP C 21 33.59 6.51 -11.73
CA ASP C 21 33.26 5.80 -12.97
C ASP C 21 31.78 5.89 -13.27
N ALA C 22 30.94 5.92 -12.24
CA ALA C 22 29.50 5.93 -12.46
C ALA C 22 29.00 7.26 -12.99
N GLN C 23 29.83 8.30 -12.98
CA GLN C 23 29.41 9.62 -13.42
C GLN C 23 29.77 9.90 -14.87
N ASP C 24 30.39 8.96 -15.57
CA ASP C 24 30.77 9.14 -16.96
C ASP C 24 29.63 8.65 -17.85
N LEU C 25 28.77 9.57 -18.28
CA LEU C 25 27.60 9.18 -19.07
C LEU C 25 28.02 8.63 -20.43
N ASP C 26 29.04 9.23 -21.06
CA ASP C 26 29.43 8.84 -22.40
C ASP C 26 29.92 7.40 -22.45
N THR C 27 30.77 7.01 -21.50
CA THR C 27 31.27 5.64 -21.46
C THR C 27 30.13 4.66 -21.21
N MET C 28 29.17 5.03 -20.38
CA MET C 28 28.06 4.14 -20.08
C MET C 28 27.20 3.87 -21.32
N GLN C 29 26.92 4.90 -22.11
CA GLN C 29 26.14 4.70 -23.33
C GLN C 29 26.94 3.97 -24.40
N ARG C 30 28.25 4.22 -24.46
CA ARG C 30 29.10 3.53 -25.42
C ARG C 30 29.14 2.03 -25.17
N LEU C 31 29.09 1.61 -23.91
CA LEU C 31 29.15 0.19 -23.56
C LEU C 31 27.78 -0.46 -23.47
N ASN C 32 26.72 0.23 -23.89
CA ASN C 32 25.35 -0.32 -23.92
C ASN C 32 24.88 -0.71 -22.53
N ILE C 33 25.17 0.11 -21.53
CA ILE C 33 24.70 -0.13 -20.18
C ILE C 33 23.31 0.47 -20.03
N GLY C 34 22.37 -0.32 -19.51
CA GLY C 34 21.02 0.15 -19.33
C GLY C 34 20.51 -0.02 -17.91
N TYR C 35 21.32 -0.64 -17.06
CA TYR C 35 20.95 -0.95 -15.68
C TYR C 35 22.09 -0.54 -14.76
N VAL C 36 21.74 0.03 -13.60
CA VAL C 36 22.70 0.50 -12.62
C VAL C 36 22.29 -0.02 -11.25
N ILE C 37 23.24 -0.62 -10.52
CA ILE C 37 23.06 -0.97 -9.12
C ILE C 37 23.97 -0.08 -8.31
N ASN C 38 23.38 0.72 -7.42
CA ASN C 38 24.10 1.64 -6.56
C ASN C 38 24.16 1.04 -5.15
N VAL C 39 25.36 0.63 -4.72
CA VAL C 39 25.49 -0.04 -3.42
C VAL C 39 25.95 0.95 -2.36
N THR C 40 25.27 2.08 -2.25
CA THR C 40 25.50 3.05 -1.19
C THR C 40 24.17 3.56 -0.67
N THR C 41 24.21 4.13 0.53
CA THR C 41 23.04 4.77 1.08
C THR C 41 22.95 6.25 0.75
N HIS C 42 24.10 6.92 0.51
CA HIS C 42 24.12 8.38 0.42
C HIS C 42 24.42 8.93 -0.96
N LEU C 43 24.96 8.12 -1.88
CA LEU C 43 25.26 8.69 -3.18
C LEU C 43 23.99 8.85 -4.02
N PRO C 44 23.97 9.86 -4.89
CA PRO C 44 22.83 10.00 -5.81
C PRO C 44 22.82 8.88 -6.85
N LEU C 45 21.65 8.66 -7.43
CA LEU C 45 21.53 7.83 -8.61
C LEU C 45 21.91 8.70 -9.82
N TYR C 46 23.17 8.59 -10.26
CA TYR C 46 23.69 9.48 -11.28
C TYR C 46 22.89 9.35 -12.58
N HIS C 47 22.63 10.49 -13.22
CA HIS C 47 21.93 10.59 -14.49
C HIS C 47 20.47 10.14 -14.39
N TYR C 48 19.92 10.11 -13.17
CA TYR C 48 18.55 9.65 -12.99
C TYR C 48 17.56 10.51 -13.75
N GLU C 49 17.77 11.82 -13.73
CA GLU C 49 16.82 12.77 -14.29
C GLU C 49 16.75 12.70 -15.81
N LYS C 50 17.68 12.00 -16.45
CA LYS C 50 17.70 11.86 -17.91
C LYS C 50 16.89 10.68 -18.41
N GLY C 51 16.41 9.80 -17.53
CA GLY C 51 15.58 8.69 -17.97
C GLY C 51 16.25 7.76 -18.95
N LEU C 52 17.53 7.47 -18.76
CA LEU C 52 18.29 6.61 -19.67
C LEU C 52 18.53 5.21 -19.11
N PHE C 53 18.52 5.03 -17.80
CA PHE C 53 18.90 3.76 -17.18
C PHE C 53 17.81 3.31 -16.21
N ASN C 54 17.80 2.02 -15.91
CA ASN C 54 16.97 1.46 -14.84
C ASN C 54 17.84 1.26 -13.60
N TYR C 55 17.34 1.72 -12.45
CA TYR C 55 18.15 1.79 -11.24
C TYR C 55 17.67 0.86 -10.15
N LYS C 56 18.62 0.46 -9.31
CA LYS C 56 18.35 -0.29 -8.08
C LYS C 56 19.38 0.15 -7.05
N ARG C 57 18.91 0.56 -5.88
CA ARG C 57 19.78 0.97 -4.79
C ARG C 57 19.79 -0.12 -3.73
N LEU C 58 20.98 -0.54 -3.33
CA LEU C 58 21.18 -1.40 -2.17
C LEU C 58 21.77 -0.54 -1.07
N PRO C 59 20.96 0.00 -0.15
CA PRO C 59 21.46 1.02 0.78
C PRO C 59 22.38 0.48 1.87
N ALA C 60 23.62 0.19 1.50
CA ALA C 60 24.61 -0.41 2.39
C ALA C 60 25.75 0.58 2.69
N THR C 61 26.36 0.42 3.86
CA THR C 61 27.56 1.17 4.20
C THR C 61 28.79 0.27 4.13
N ASP C 62 29.97 0.89 4.15
CA ASP C 62 31.24 0.19 4.11
C ASP C 62 31.78 -0.18 5.48
N SER C 63 30.90 -0.53 6.42
CA SER C 63 31.26 -0.83 7.79
C SER C 63 31.61 -2.30 7.97
N ASN C 64 32.18 -2.61 9.13
CA ASN C 64 32.45 -3.99 9.53
C ASN C 64 31.21 -4.70 10.04
N LYS C 65 30.06 -4.03 10.08
CA LYS C 65 28.83 -4.65 10.56
C LYS C 65 27.75 -4.71 9.50
N GLN C 66 27.99 -4.17 8.31
CA GLN C 66 26.99 -4.17 7.25
C GLN C 66 26.72 -5.58 6.75
N ASN C 67 25.45 -5.92 6.61
CA ASN C 67 25.03 -7.20 6.05
C ASN C 67 24.79 -6.98 4.56
N LEU C 68 25.63 -7.60 3.72
CA LEU C 68 25.42 -7.55 2.28
C LEU C 68 24.74 -8.80 1.75
N ARG C 69 24.89 -9.94 2.44
CA ARG C 69 24.29 -11.20 2.01
C ARG C 69 22.79 -11.06 1.79
N GLN C 70 22.12 -10.20 2.56
CA GLN C 70 20.68 -10.01 2.42
C GLN C 70 20.28 -9.46 1.06
N TYR C 71 21.20 -8.84 0.33
CA TYR C 71 20.91 -8.22 -0.95
C TYR C 71 21.31 -9.08 -2.14
N PHE C 72 21.92 -10.25 -1.92
CA PHE C 72 22.45 -11.04 -3.02
C PHE C 72 21.37 -11.42 -4.01
N GLU C 73 20.28 -12.03 -3.52
CA GLU C 73 19.23 -12.51 -4.42
C GLU C 73 18.58 -11.36 -5.18
N GLU C 74 18.32 -10.24 -4.50
CA GLU C 74 17.75 -9.08 -5.18
C GLU C 74 18.69 -8.57 -6.27
N ALA C 75 20.00 -8.54 -5.98
CA ALA C 75 20.96 -8.08 -6.97
C ALA C 75 21.08 -9.06 -8.14
N PHE C 76 21.03 -10.37 -7.84
CA PHE C 76 21.15 -11.35 -8.91
C PHE C 76 19.96 -11.27 -9.86
N GLU C 77 18.76 -11.06 -9.33
CA GLU C 77 17.57 -10.93 -10.16
C GLU C 77 17.67 -9.74 -11.11
N PHE C 78 18.24 -8.63 -10.63
CA PHE C 78 18.41 -7.46 -11.49
C PHE C 78 19.43 -7.73 -12.58
N ILE C 79 20.50 -8.44 -12.24
CA ILE C 79 21.50 -8.79 -13.25
C ILE C 79 20.87 -9.64 -14.36
N GLU C 80 19.99 -10.58 -14.00
CA GLU C 80 19.36 -11.41 -15.02
C GLU C 80 18.47 -10.58 -15.92
N GLU C 81 17.80 -9.57 -15.35
CA GLU C 81 16.92 -8.70 -16.14
C GLU C 81 17.72 -7.91 -17.17
N ALA C 82 18.89 -7.41 -16.80
CA ALA C 82 19.74 -6.74 -17.79
C ALA C 82 20.20 -7.72 -18.86
N HIS C 83 20.60 -8.91 -18.44
CA HIS C 83 21.06 -9.93 -19.39
C HIS C 83 19.94 -10.33 -20.35
N GLN C 84 18.71 -10.45 -19.84
CA GLN C 84 17.62 -10.96 -20.67
C GLN C 84 17.21 -9.99 -21.77
N CYS C 85 17.40 -8.69 -21.56
CA CYS C 85 17.08 -7.70 -22.59
C CYS C 85 18.32 -7.29 -23.40
N GLY C 86 19.44 -7.99 -23.22
CA GLY C 86 20.65 -7.73 -23.97
C GLY C 86 21.34 -6.41 -23.69
N LYS C 87 21.22 -5.89 -22.48
CA LYS C 87 21.91 -4.67 -22.07
C LYS C 87 22.83 -4.97 -20.91
N GLY C 88 23.81 -4.08 -20.73
CA GLY C 88 24.76 -4.23 -19.65
C GLY C 88 24.28 -3.62 -18.36
N LEU C 89 24.83 -4.14 -17.25
CA LEU C 89 24.51 -3.65 -15.92
C LEU C 89 25.79 -3.20 -15.25
N LEU C 90 25.75 -2.03 -14.63
CA LEU C 90 26.86 -1.49 -13.87
C LEU C 90 26.49 -1.53 -12.40
N ILE C 91 27.36 -2.13 -11.59
CA ILE C 91 27.22 -2.12 -10.14
C ILE C 91 28.41 -1.33 -9.58
N HIS C 92 28.11 -0.38 -8.70
CA HIS C 92 29.15 0.52 -8.22
C HIS C 92 28.88 0.89 -6.78
N CYS C 93 29.95 1.23 -6.07
CA CYS C 93 29.84 1.90 -4.79
C CYS C 93 30.83 3.07 -4.78
N GLN C 94 31.87 2.99 -3.96
CA GLN C 94 32.82 4.09 -3.87
C GLN C 94 34.24 3.64 -4.20
N ALA C 95 35.24 4.43 -3.75
CA ALA C 95 36.60 4.36 -4.30
C ALA C 95 37.19 2.95 -4.27
N GLY C 96 37.10 2.26 -3.14
CA GLY C 96 37.71 0.94 -3.07
C GLY C 96 36.90 -0.22 -3.61
N VAL C 97 35.69 0.05 -4.11
CA VAL C 97 34.70 -0.90 -4.63
C VAL C 97 34.51 -2.11 -3.72
N SER C 98 34.59 -1.90 -2.41
CA SER C 98 34.44 -3.03 -1.48
C SER C 98 33.04 -3.61 -1.52
N ARG C 99 32.01 -2.77 -1.54
CA ARG C 99 30.64 -3.26 -1.52
C ARG C 99 30.27 -3.90 -2.85
N SER C 100 30.56 -3.22 -3.97
CA SER C 100 30.10 -3.72 -5.26
C SER C 100 30.88 -4.96 -5.69
N ALA C 101 32.17 -5.03 -5.37
CA ALA C 101 32.94 -6.22 -5.73
C ALA C 101 32.47 -7.44 -4.97
N THR C 102 31.95 -7.26 -3.76
CA THR C 102 31.41 -8.39 -3.00
C THR C 102 30.24 -9.03 -3.74
N ILE C 103 29.33 -8.19 -4.24
CA ILE C 103 28.15 -8.71 -4.93
C ILE C 103 28.54 -9.35 -6.26
N VAL C 104 29.52 -8.76 -6.95
CA VAL C 104 29.99 -9.34 -8.22
C VAL C 104 30.59 -10.72 -7.98
N ILE C 105 31.44 -10.83 -6.96
CA ILE C 105 32.08 -12.12 -6.64
C ILE C 105 31.02 -13.14 -6.25
N ALA C 106 30.01 -12.72 -5.48
CA ALA C 106 28.93 -13.63 -5.10
C ALA C 106 28.15 -14.11 -6.33
N TYR C 107 27.94 -13.23 -7.30
CA TYR C 107 27.25 -13.65 -8.53
C TYR C 107 28.08 -14.69 -9.29
N LEU C 108 29.39 -14.46 -9.39
CA LEU C 108 30.25 -15.42 -10.06
C LEU C 108 30.25 -16.76 -9.35
N MET C 109 30.16 -16.75 -8.02
CA MET C 109 30.16 -18.00 -7.26
C MET C 109 28.91 -18.81 -7.55
N LYS C 110 27.74 -18.17 -7.57
CA LYS C 110 26.50 -18.90 -7.73
C LYS C 110 26.21 -19.23 -9.19
N HIS C 111 26.36 -18.26 -10.08
CA HIS C 111 25.90 -18.41 -11.46
C HIS C 111 27.01 -18.80 -12.44
N THR C 112 28.28 -18.71 -12.04
CA THR C 112 29.37 -19.25 -12.83
C THR C 112 30.03 -20.44 -12.16
N ARG C 113 29.57 -20.80 -10.95
CA ARG C 113 30.04 -21.98 -10.23
C ARG C 113 31.54 -21.96 -10.03
N MET C 114 32.06 -20.79 -9.68
CA MET C 114 33.44 -20.66 -9.24
C MET C 114 33.52 -20.73 -7.72
N THR C 115 34.67 -21.15 -7.21
CA THR C 115 34.90 -21.04 -5.77
C THR C 115 35.08 -19.58 -5.40
N MET C 116 34.94 -19.30 -4.10
CA MET C 116 35.15 -17.95 -3.62
C MET C 116 36.52 -17.44 -4.02
N THR C 117 37.55 -18.28 -3.86
CA THR C 117 38.91 -17.89 -4.18
C THR C 117 39.09 -17.60 -5.67
N ASP C 118 38.60 -18.49 -6.54
CA ASP C 118 38.77 -18.29 -7.97
C ASP C 118 38.01 -17.07 -8.46
N ALA C 119 36.81 -16.84 -7.92
CA ALA C 119 36.04 -15.66 -8.31
C ALA C 119 36.75 -14.37 -7.92
N TYR C 120 37.37 -14.36 -6.74
CA TYR C 120 38.14 -13.19 -6.31
C TYR C 120 39.30 -12.90 -7.25
N LYS C 121 40.12 -13.92 -7.54
CA LYS C 121 41.25 -13.70 -8.44
C LYS C 121 40.77 -13.24 -9.81
N PHE C 122 39.64 -13.76 -10.27
CA PHE C 122 39.10 -13.34 -11.55
C PHE C 122 38.76 -11.85 -11.54
N VAL C 123 38.06 -11.39 -10.51
CA VAL C 123 37.72 -9.97 -10.41
C VAL C 123 38.95 -9.13 -10.14
N LYS C 124 39.81 -9.58 -9.23
CA LYS C 124 41.01 -8.82 -8.87
C LYS C 124 41.95 -8.67 -10.06
N GLY C 125 42.02 -9.69 -10.94
CA GLY C 125 42.86 -9.58 -12.11
C GLY C 125 42.41 -8.52 -13.09
N LYS C 126 41.11 -8.25 -13.14
CA LYS C 126 40.60 -7.23 -14.03
C LYS C 126 40.54 -5.85 -13.37
N ARG C 127 40.33 -5.79 -12.07
CA ARG C 127 40.33 -4.52 -11.32
C ARG C 127 41.30 -4.66 -10.16
N PRO C 128 42.57 -4.31 -10.37
CA PRO C 128 43.60 -4.56 -9.33
C PRO C 128 43.37 -3.82 -8.02
N ILE C 129 42.69 -2.67 -8.03
CA ILE C 129 42.51 -1.87 -6.83
C ILE C 129 41.18 -2.27 -6.21
N ILE C 130 41.25 -3.02 -5.10
CA ILE C 130 40.08 -3.44 -4.34
C ILE C 130 40.42 -3.30 -2.86
N SER C 131 39.64 -2.50 -2.14
CA SER C 131 39.90 -2.33 -0.71
C SER C 131 39.37 -3.53 0.06
N PRO C 132 40.19 -4.13 0.92
CA PRO C 132 39.72 -5.31 1.66
C PRO C 132 38.71 -4.94 2.72
N ASN C 133 37.75 -5.84 2.95
CA ASN C 133 36.78 -5.71 4.03
C ASN C 133 36.59 -7.10 4.60
N LEU C 134 37.14 -7.34 5.79
CA LEU C 134 37.11 -8.67 6.40
C LEU C 134 35.68 -9.12 6.68
N ASN C 135 34.79 -8.19 7.03
CA ASN C 135 33.40 -8.55 7.26
C ASN C 135 32.73 -9.08 6.00
N PHE C 136 32.91 -8.38 4.88
CA PHE C 136 32.36 -8.85 3.61
C PHE C 136 33.00 -10.16 3.18
N MET C 137 34.31 -10.31 3.43
CA MET C 137 35.00 -11.56 3.12
C MET C 137 34.38 -12.72 3.88
N GLY C 138 34.08 -12.53 5.16
CA GLY C 138 33.45 -13.59 5.93
C GLY C 138 32.09 -13.99 5.39
N GLN C 139 31.34 -13.01 4.87
CA GLN C 139 30.02 -13.31 4.31
C GLN C 139 30.14 -14.14 3.04
N LEU C 140 31.17 -13.87 2.23
CA LEU C 140 31.41 -14.67 1.04
C LEU C 140 31.83 -16.09 1.40
N LEU C 141 32.55 -16.27 2.52
CA LEU C 141 32.94 -17.61 2.95
C LEU C 141 31.71 -18.41 3.40
N GLU C 142 30.77 -17.76 4.10
CA GLU C 142 29.52 -18.46 4.45
C GLU C 142 28.65 -18.70 3.22
N PHE C 143 28.70 -17.81 2.23
CA PHE C 143 27.95 -18.04 1.01
C PHE C 143 28.48 -19.25 0.26
N GLU C 144 29.81 -19.43 0.25
CA GLU C 144 30.39 -20.63 -0.38
C GLU C 144 29.96 -21.90 0.34
N GLU C 145 29.90 -21.84 1.68
CA GLU C 145 29.48 -23.02 2.43
C GLU C 145 28.01 -23.34 2.15
N ASP C 146 27.20 -22.30 1.99
CA ASP C 146 25.78 -22.49 1.68
C ASP C 146 25.58 -23.02 0.27
N LEU C 147 26.40 -22.56 -0.68
CA LEU C 147 26.29 -23.03 -2.06
C LEU C 147 26.65 -24.52 -2.16
N ASN C 148 27.70 -24.93 -1.45
CA ASN C 148 28.12 -26.33 -1.50
C ASN C 148 27.12 -27.26 -0.84
N ASN C 149 26.22 -26.74 -0.02
CA ASN C 149 25.18 -27.56 0.62
C ASN C 149 23.85 -27.43 -0.12
N SER D 2 20.79 -18.94 7.79
CA SER D 2 20.39 -17.60 8.17
C SER D 2 19.59 -16.95 7.04
N HIS D 3 20.28 -16.66 5.93
CA HIS D 3 19.64 -16.20 4.71
C HIS D 3 19.44 -17.33 3.72
N MET D 4 19.49 -18.58 4.18
CA MET D 4 19.24 -19.74 3.35
C MET D 4 17.74 -19.93 3.13
N ALA D 5 17.40 -20.77 2.16
CA ALA D 5 16.02 -21.03 1.80
C ALA D 5 15.50 -22.19 2.63
N GLU D 6 14.74 -21.88 3.68
CA GLU D 6 14.14 -22.86 4.56
C GLU D 6 12.65 -22.99 4.27
N LEU D 7 12.18 -24.23 4.09
CA LEU D 7 10.75 -24.53 4.00
C LEU D 7 10.29 -24.96 5.39
N THR D 8 9.70 -24.03 6.12
CA THR D 8 9.39 -24.25 7.53
C THR D 8 8.23 -25.23 7.71
N PRO D 9 8.46 -26.38 8.36
CA PRO D 9 7.35 -27.30 8.65
C PRO D 9 6.51 -26.85 9.82
N ILE D 10 5.31 -26.32 9.55
CA ILE D 10 4.36 -26.03 10.62
C ILE D 10 3.77 -27.32 11.16
N LEU D 11 3.23 -28.14 10.27
CA LEU D 11 2.81 -29.51 10.52
C LEU D 11 3.55 -30.41 9.54
N PRO D 12 3.61 -31.73 9.78
CA PRO D 12 4.33 -32.61 8.85
C PRO D 12 3.88 -32.48 7.39
N PHE D 13 2.66 -32.03 7.14
CA PHE D 13 2.14 -31.90 5.78
C PHE D 13 1.88 -30.46 5.37
N LEU D 14 2.16 -29.49 6.25
CA LEU D 14 1.86 -28.09 6.00
C LEU D 14 3.14 -27.27 6.15
N PHE D 15 3.58 -26.63 5.07
CA PHE D 15 4.81 -25.88 5.06
C PHE D 15 4.55 -24.42 4.73
N LEU D 16 5.42 -23.55 5.25
CA LEU D 16 5.31 -22.11 5.12
C LEU D 16 6.62 -21.54 4.61
N GLY D 17 6.56 -20.59 3.69
CA GLY D 17 7.78 -20.00 3.17
C GLY D 17 7.52 -18.70 2.43
N ASN D 18 8.62 -18.12 1.94
CA ASN D 18 8.57 -16.93 1.10
C ASN D 18 8.88 -17.34 -0.35
N GLU D 19 9.11 -16.36 -1.24
CA GLU D 19 9.32 -16.69 -2.64
C GLU D 19 10.64 -17.43 -2.84
N GLN D 20 11.67 -17.08 -2.07
CA GLN D 20 12.95 -17.74 -2.21
C GLN D 20 12.89 -19.17 -1.69
N ASP D 21 12.09 -19.41 -0.65
CA ASP D 21 11.90 -20.77 -0.17
C ASP D 21 11.16 -21.61 -1.20
N ALA D 22 10.22 -21.01 -1.93
CA ALA D 22 9.41 -21.76 -2.88
C ALA D 22 10.17 -22.14 -4.15
N GLN D 23 11.38 -21.62 -4.35
CA GLN D 23 12.16 -21.92 -5.54
C GLN D 23 13.15 -23.06 -5.33
N ASP D 24 13.16 -23.68 -4.14
CA ASP D 24 14.07 -24.77 -3.84
C ASP D 24 13.36 -26.07 -4.22
N LEU D 25 13.59 -26.51 -5.47
CA LEU D 25 12.91 -27.70 -5.98
C LEU D 25 13.36 -28.96 -5.26
N ASP D 26 14.66 -29.06 -4.96
CA ASP D 26 15.18 -30.28 -4.34
C ASP D 26 14.56 -30.51 -2.97
N THR D 27 14.47 -29.46 -2.17
CA THR D 27 13.87 -29.60 -0.84
C THR D 27 12.39 -29.95 -0.94
N MET D 28 11.69 -29.37 -1.94
CA MET D 28 10.26 -29.64 -2.07
C MET D 28 10.00 -31.10 -2.38
N GLN D 29 10.80 -31.70 -3.27
CA GLN D 29 10.62 -33.12 -3.55
C GLN D 29 11.09 -33.97 -2.38
N ARG D 30 12.14 -33.55 -1.67
CA ARG D 30 12.61 -34.32 -0.53
C ARG D 30 11.55 -34.42 0.55
N LEU D 31 10.76 -33.36 0.73
CA LEU D 31 9.75 -33.33 1.77
C LEU D 31 8.40 -33.85 1.30
N ASN D 32 8.33 -34.41 0.10
CA ASN D 32 7.12 -35.02 -0.45
C ASN D 32 5.98 -34.00 -0.54
N ILE D 33 6.31 -32.78 -0.95
CA ILE D 33 5.31 -31.74 -1.16
C ILE D 33 4.74 -31.90 -2.55
N GLY D 34 3.42 -31.92 -2.65
CA GLY D 34 2.78 -32.07 -3.94
C GLY D 34 1.78 -30.97 -4.26
N TYR D 35 1.59 -30.05 -3.31
CA TYR D 35 0.59 -29.00 -3.45
C TYR D 35 1.21 -27.66 -3.06
N VAL D 36 0.88 -26.62 -3.83
CA VAL D 36 1.42 -25.28 -3.60
C VAL D 36 0.27 -24.27 -3.63
N ILE D 37 0.24 -23.40 -2.62
CA ILE D 37 -0.64 -22.25 -2.59
C ILE D 37 0.23 -21.00 -2.67
N ASN D 38 0.04 -20.22 -3.74
CA ASN D 38 0.79 -19.00 -3.97
C ASN D 38 -0.14 -17.82 -3.64
N VAL D 39 0.16 -17.08 -2.58
CA VAL D 39 -0.71 -15.99 -2.15
C VAL D 39 -0.21 -14.66 -2.67
N THR D 40 0.07 -14.59 -3.97
CA THR D 40 0.42 -13.35 -4.64
C THR D 40 -0.26 -13.30 -6.00
N THR D 41 -0.41 -12.09 -6.53
CA THR D 41 -0.92 -11.93 -7.88
C THR D 41 0.19 -11.88 -8.92
N HIS D 42 1.41 -11.51 -8.52
CA HIS D 42 2.48 -11.20 -9.46
C HIS D 42 3.60 -12.22 -9.51
N LEU D 43 3.74 -13.08 -8.51
CA LEU D 43 4.82 -14.06 -8.58
C LEU D 43 4.44 -15.21 -9.50
N PRO D 44 5.42 -15.81 -10.18
CA PRO D 44 5.14 -16.99 -10.98
C PRO D 44 4.77 -18.18 -10.11
N LEU D 45 4.09 -19.14 -10.72
CA LEU D 45 3.91 -20.44 -10.09
C LEU D 45 5.20 -21.23 -10.36
N TYR D 46 6.10 -21.24 -9.38
CA TYR D 46 7.40 -21.83 -9.58
C TYR D 46 7.28 -23.31 -9.93
N HIS D 47 8.09 -23.74 -10.90
CA HIS D 47 8.18 -25.12 -11.37
C HIS D 47 6.90 -25.61 -12.04
N TYR D 48 6.07 -24.69 -12.53
CA TYR D 48 4.78 -25.09 -13.10
C TYR D 48 4.97 -26.00 -14.32
N GLU D 49 5.88 -25.65 -15.23
CA GLU D 49 6.00 -26.41 -16.46
C GLU D 49 6.63 -27.79 -16.27
N LYS D 50 7.12 -28.11 -15.08
CA LYS D 50 7.62 -29.45 -14.83
C LYS D 50 6.52 -30.44 -14.49
N GLY D 51 5.30 -29.96 -14.25
CA GLY D 51 4.17 -30.83 -14.00
C GLY D 51 4.33 -31.72 -12.79
N LEU D 52 4.92 -31.20 -11.71
CA LEU D 52 5.14 -32.00 -10.52
C LEU D 52 4.16 -31.70 -9.40
N PHE D 53 3.58 -30.51 -9.36
CA PHE D 53 2.76 -30.09 -8.24
C PHE D 53 1.39 -29.61 -8.72
N ASN D 54 0.44 -29.58 -7.79
CA ASN D 54 -0.85 -28.95 -7.99
C ASN D 54 -0.82 -27.57 -7.36
N TYR D 55 -1.28 -26.56 -8.11
CA TYR D 55 -1.13 -25.17 -7.72
C TYR D 55 -2.48 -24.55 -7.46
N LYS D 56 -2.47 -23.52 -6.61
CA LYS D 56 -3.65 -22.69 -6.37
C LYS D 56 -3.14 -21.29 -6.09
N ARG D 57 -3.66 -20.30 -6.82
CA ARG D 57 -3.25 -18.92 -6.64
C ARG D 57 -4.35 -18.16 -5.91
N LEU D 58 -3.98 -17.50 -4.81
CA LEU D 58 -4.87 -16.58 -4.11
C LEU D 58 -4.38 -15.17 -4.42
N PRO D 59 -4.97 -14.49 -5.41
CA PRO D 59 -4.40 -13.23 -5.90
C PRO D 59 -4.56 -12.07 -4.93
N ALA D 60 -3.66 -11.94 -3.95
CA ALA D 60 -3.78 -10.87 -2.97
C ALA D 60 -2.79 -9.78 -3.31
N THR D 61 -3.20 -8.54 -3.06
CA THR D 61 -2.46 -7.34 -3.40
C THR D 61 -1.85 -6.71 -2.16
N ASP D 62 -1.10 -5.63 -2.39
CA ASP D 62 -0.46 -4.90 -1.30
C ASP D 62 -1.42 -3.86 -0.72
N SER D 63 -2.71 -4.18 -0.71
CA SER D 63 -3.67 -3.20 -0.24
C SER D 63 -3.77 -3.26 1.26
N ASN D 64 -4.17 -2.14 1.86
CA ASN D 64 -4.42 -2.05 3.29
C ASN D 64 -5.79 -2.58 3.67
N LYS D 65 -6.59 -2.96 2.67
CA LYS D 65 -7.93 -3.48 2.85
C LYS D 65 -8.05 -4.91 2.33
N GLN D 66 -6.94 -5.54 1.96
CA GLN D 66 -7.00 -6.86 1.34
C GLN D 66 -7.72 -7.86 2.22
N ASN D 67 -8.67 -8.57 1.63
CA ASN D 67 -9.46 -9.59 2.29
C ASN D 67 -8.82 -10.95 2.06
N LEU D 68 -8.33 -11.57 3.13
CA LEU D 68 -7.84 -12.94 3.07
C LEU D 68 -8.86 -13.95 3.58
N ARG D 69 -9.79 -13.51 4.43
CA ARG D 69 -10.82 -14.40 4.96
C ARG D 69 -11.60 -15.08 3.84
N GLN D 70 -11.80 -14.40 2.71
CA GLN D 70 -12.55 -14.96 1.60
C GLN D 70 -11.88 -16.19 1.00
N TYR D 71 -10.59 -16.39 1.26
CA TYR D 71 -9.84 -17.51 0.70
C TYR D 71 -9.67 -18.67 1.68
N PHE D 72 -10.13 -18.51 2.93
CA PHE D 72 -9.84 -19.47 3.97
C PHE D 72 -10.37 -20.87 3.62
N GLU D 73 -11.67 -20.97 3.31
CA GLU D 73 -12.27 -22.28 3.08
C GLU D 73 -11.65 -22.96 1.86
N GLU D 74 -11.40 -22.20 0.79
CA GLU D 74 -10.76 -22.78 -0.39
C GLU D 74 -9.37 -23.31 -0.06
N ALA D 75 -8.62 -22.57 0.76
CA ALA D 75 -7.29 -23.04 1.14
C ALA D 75 -7.37 -24.27 2.03
N PHE D 76 -8.36 -24.32 2.93
CA PHE D 76 -8.51 -25.47 3.81
C PHE D 76 -8.84 -26.73 3.03
N GLU D 77 -9.69 -26.62 2.00
CA GLU D 77 -10.01 -27.77 1.17
C GLU D 77 -8.77 -28.26 0.44
N PHE D 78 -7.92 -27.35 0.00
CA PHE D 78 -6.69 -27.74 -0.67
C PHE D 78 -5.73 -28.44 0.29
N ILE D 79 -5.58 -27.89 1.50
CA ILE D 79 -4.74 -28.53 2.51
C ILE D 79 -5.28 -29.91 2.85
N GLU D 80 -6.60 -30.03 2.99
CA GLU D 80 -7.20 -31.30 3.34
C GLU D 80 -7.04 -32.32 2.21
N GLU D 81 -7.12 -31.86 0.95
CA GLU D 81 -6.91 -32.76 -0.18
C GLU D 81 -5.48 -33.30 -0.19
N ALA D 82 -4.50 -32.44 0.09
CA ALA D 82 -3.12 -32.89 0.21
C ALA D 82 -2.95 -33.87 1.35
N HIS D 83 -3.61 -33.60 2.48
CA HIS D 83 -3.51 -34.47 3.65
C HIS D 83 -4.03 -35.87 3.33
N GLN D 84 -5.15 -35.97 2.60
CA GLN D 84 -5.71 -37.28 2.31
C GLN D 84 -4.86 -38.09 1.33
N CYS D 85 -4.03 -37.43 0.52
CA CYS D 85 -3.17 -38.11 -0.42
C CYS D 85 -1.78 -38.36 0.15
N GLY D 86 -1.58 -38.06 1.44
CA GLY D 86 -0.27 -38.27 2.06
C GLY D 86 0.81 -37.39 1.49
N LYS D 87 0.45 -36.22 0.98
CA LYS D 87 1.39 -35.30 0.38
C LYS D 87 1.41 -34.00 1.18
N GLY D 88 2.50 -33.27 1.07
CA GLY D 88 2.62 -32.00 1.74
C GLY D 88 2.10 -30.84 0.90
N LEU D 89 1.70 -29.77 1.58
CA LEU D 89 1.24 -28.56 0.93
C LEU D 89 2.09 -27.40 1.44
N LEU D 90 2.55 -26.56 0.51
CA LEU D 90 3.32 -25.37 0.81
C LEU D 90 2.49 -24.12 0.53
N ILE D 91 2.43 -23.22 1.50
CA ILE D 91 1.84 -21.90 1.32
C ILE D 91 2.96 -20.87 1.39
N HIS D 92 3.01 -19.99 0.40
CA HIS D 92 4.09 -19.02 0.37
C HIS D 92 3.55 -17.72 -0.19
N CYS D 93 4.15 -16.62 0.26
CA CYS D 93 3.96 -15.32 -0.37
C CYS D 93 5.31 -14.65 -0.54
N GLN D 94 5.57 -13.58 0.21
CA GLN D 94 6.83 -12.86 0.07
C GLN D 94 7.61 -12.77 1.37
N ALA D 95 8.53 -11.81 1.46
CA ALA D 95 9.59 -11.82 2.46
C ALA D 95 9.05 -11.94 3.88
N GLY D 96 8.05 -11.13 4.23
CA GLY D 96 7.56 -11.17 5.59
C GLY D 96 6.56 -12.26 5.92
N VAL D 97 6.21 -13.09 4.93
CA VAL D 97 5.24 -14.19 5.02
C VAL D 97 3.96 -13.77 5.74
N SER D 98 3.57 -12.50 5.58
CA SER D 98 2.37 -11.99 6.26
C SER D 98 1.11 -12.64 5.72
N ARG D 99 1.02 -12.79 4.39
CA ARG D 99 -0.18 -13.36 3.79
C ARG D 99 -0.28 -14.86 4.09
N SER D 100 0.81 -15.59 3.87
CA SER D 100 0.77 -17.04 4.03
C SER D 100 0.66 -17.45 5.49
N ALA D 101 1.30 -16.71 6.41
CA ALA D 101 1.17 -17.05 7.81
C ALA D 101 -0.25 -16.82 8.31
N THR D 102 -0.97 -15.87 7.71
CA THR D 102 -2.37 -15.65 8.08
C THR D 102 -3.20 -16.90 7.80
N ILE D 103 -3.03 -17.49 6.62
CA ILE D 103 -3.81 -18.65 6.25
C ILE D 103 -3.41 -19.88 7.08
N VAL D 104 -2.12 -20.02 7.37
CA VAL D 104 -1.66 -21.13 8.20
C VAL D 104 -2.25 -21.03 9.61
N ILE D 105 -2.20 -19.83 10.20
CA ILE D 105 -2.76 -19.65 11.54
C ILE D 105 -4.25 -19.92 11.53
N ALA D 106 -4.95 -19.46 10.48
CA ALA D 106 -6.38 -19.73 10.38
C ALA D 106 -6.66 -21.22 10.28
N TYR D 107 -5.81 -21.97 9.56
CA TYR D 107 -6.00 -23.41 9.49
C TYR D 107 -5.79 -24.06 10.85
N LEU D 108 -4.78 -23.62 11.60
CA LEU D 108 -4.54 -24.18 12.93
C LEU D 108 -5.71 -23.89 13.86
N MET D 109 -6.33 -22.72 13.72
CA MET D 109 -7.45 -22.36 14.59
C MET D 109 -8.65 -23.29 14.35
N LYS D 110 -8.98 -23.56 13.09
CA LYS D 110 -10.17 -24.34 12.80
C LYS D 110 -9.92 -25.83 12.92
N HIS D 111 -8.83 -26.33 12.34
CA HIS D 111 -8.65 -27.78 12.20
C HIS D 111 -7.74 -28.40 13.26
N THR D 112 -7.01 -27.61 14.02
CA THR D 112 -6.28 -28.12 15.18
C THR D 112 -6.84 -27.59 16.49
N ARG D 113 -7.86 -26.74 16.44
CA ARG D 113 -8.57 -26.23 17.61
C ARG D 113 -7.64 -25.51 18.58
N MET D 114 -6.74 -24.69 18.04
CA MET D 114 -5.95 -23.77 18.86
C MET D 114 -6.62 -22.40 18.89
N THR D 115 -6.34 -21.64 19.95
CA THR D 115 -6.75 -20.25 19.93
C THR D 115 -5.87 -19.47 18.96
N MET D 116 -6.35 -18.28 18.57
CA MET D 116 -5.56 -17.43 17.69
C MET D 116 -4.19 -17.12 18.29
N THR D 117 -4.16 -16.81 19.58
CA THR D 117 -2.91 -16.49 20.26
C THR D 117 -1.96 -17.68 20.28
N ASP D 118 -2.48 -18.86 20.65
CA ASP D 118 -1.63 -20.04 20.70
C ASP D 118 -1.19 -20.45 19.30
N ALA D 119 -2.07 -20.31 18.31
CA ALA D 119 -1.69 -20.63 16.95
C ALA D 119 -0.60 -19.69 16.45
N TYR D 120 -0.70 -18.41 16.81
CA TYR D 120 0.35 -17.46 16.43
C TYR D 120 1.69 -17.84 17.06
N LYS D 121 1.71 -18.04 18.39
CA LYS D 121 2.96 -18.41 19.05
C LYS D 121 3.51 -19.73 18.51
N PHE D 122 2.61 -20.65 18.14
CA PHE D 122 3.04 -21.90 17.54
C PHE D 122 3.78 -21.65 16.22
N VAL D 123 3.21 -20.81 15.35
CA VAL D 123 3.87 -20.50 14.09
C VAL D 123 5.13 -19.67 14.33
N LYS D 124 5.03 -18.67 15.21
CA LYS D 124 6.16 -17.79 15.48
C LYS D 124 7.36 -18.54 16.04
N GLY D 125 7.11 -19.59 16.84
CA GLY D 125 8.20 -20.39 17.35
C GLY D 125 8.96 -21.15 16.27
N LYS D 126 8.28 -21.50 15.18
CA LYS D 126 8.93 -22.22 14.07
C LYS D 126 9.45 -21.28 12.99
N ARG D 127 8.81 -20.13 12.80
CA ARG D 127 9.20 -19.13 11.81
C ARG D 127 9.40 -17.81 12.54
N PRO D 128 10.62 -17.52 13.01
CA PRO D 128 10.82 -16.35 13.87
C PRO D 128 10.50 -15.00 13.22
N ILE D 129 10.71 -14.85 11.92
CA ILE D 129 10.52 -13.56 11.24
C ILE D 129 9.15 -13.58 10.58
N ILE D 130 8.22 -12.82 11.14
CA ILE D 130 6.88 -12.65 10.57
C ILE D 130 6.53 -11.18 10.64
N SER D 131 6.27 -10.54 9.49
CA SER D 131 5.94 -9.11 9.49
C SER D 131 4.50 -8.91 9.94
N PRO D 132 4.25 -8.03 10.90
CA PRO D 132 2.89 -7.82 11.37
C PRO D 132 2.03 -7.10 10.33
N ASN D 133 0.75 -7.45 10.30
CA ASN D 133 -0.24 -6.79 9.46
C ASN D 133 -1.51 -6.67 10.28
N LEU D 134 -1.82 -5.45 10.74
CA LEU D 134 -2.97 -5.26 11.62
C LEU D 134 -4.28 -5.62 10.93
N ASN D 135 -4.36 -5.38 9.62
CA ASN D 135 -5.55 -5.73 8.86
C ASN D 135 -5.77 -7.24 8.87
N PHE D 136 -4.72 -8.02 8.61
CA PHE D 136 -4.85 -9.48 8.67
C PHE D 136 -5.15 -9.96 10.08
N MET D 137 -4.55 -9.30 11.09
CA MET D 137 -4.82 -9.66 12.48
C MET D 137 -6.30 -9.48 12.82
N GLY D 138 -6.90 -8.36 12.38
CA GLY D 138 -8.31 -8.15 12.63
C GLY D 138 -9.17 -9.22 12.00
N GLN D 139 -8.76 -9.73 10.84
CA GLN D 139 -9.52 -10.79 10.20
C GLN D 139 -9.40 -12.10 10.97
N LEU D 140 -8.22 -12.37 11.54
CA LEU D 140 -8.08 -13.58 12.36
C LEU D 140 -8.90 -13.46 13.64
N LEU D 141 -8.98 -12.27 14.23
CA LEU D 141 -9.79 -12.08 15.42
C LEU D 141 -11.27 -12.27 15.12
N GLU D 142 -11.73 -11.77 13.98
CA GLU D 142 -13.12 -12.01 13.58
C GLU D 142 -13.35 -13.48 13.23
N PHE D 143 -12.33 -14.15 12.68
CA PHE D 143 -12.45 -15.58 12.39
C PHE D 143 -12.59 -16.38 13.69
N GLU D 144 -11.84 -15.99 14.73
CA GLU D 144 -11.94 -16.68 16.00
C GLU D 144 -13.33 -16.55 16.61
N GLU D 145 -13.93 -15.35 16.50
CA GLU D 145 -15.28 -15.17 17.03
C GLU D 145 -16.30 -15.97 16.23
N ASP D 146 -16.09 -16.12 14.92
CA ASP D 146 -16.99 -16.94 14.12
C ASP D 146 -16.81 -18.42 14.47
N LEU D 147 -15.58 -18.83 14.77
CA LEU D 147 -15.34 -20.22 15.17
C LEU D 147 -15.99 -20.53 16.51
N ASN D 148 -15.88 -19.60 17.48
CA ASN D 148 -16.47 -19.84 18.79
C ASN D 148 -17.98 -19.82 18.77
N ASN D 149 -18.59 -19.23 17.74
CA ASN D 149 -20.04 -19.21 17.58
C ASN D 149 -20.56 -20.26 16.60
N GLY D 150 -19.67 -21.04 15.99
CA GLY D 150 -20.08 -22.09 15.08
C GLY D 150 -20.65 -21.58 13.76
N VAL D 151 -19.97 -20.62 13.14
CA VAL D 151 -20.45 -20.02 11.90
C VAL D 151 -19.56 -20.41 10.73
N HIS E 3 17.72 -11.89 -26.75
CA HIS E 3 16.39 -11.84 -27.36
C HIS E 3 16.02 -10.43 -27.83
N MET E 4 15.71 -10.30 -29.12
CA MET E 4 15.24 -9.03 -29.67
C MET E 4 13.72 -9.00 -29.56
N ALA E 5 13.22 -8.21 -28.62
CA ALA E 5 11.83 -8.22 -28.19
C ALA E 5 10.92 -7.57 -29.25
N GLU E 6 10.05 -8.37 -29.85
CA GLU E 6 9.11 -7.89 -30.86
C GLU E 6 7.74 -7.72 -30.21
N LEU E 7 7.33 -6.46 -29.98
CA LEU E 7 5.99 -6.13 -29.49
C LEU E 7 5.16 -5.65 -30.67
N THR E 8 4.38 -6.54 -31.24
CA THR E 8 3.70 -6.27 -32.50
C THR E 8 2.54 -5.29 -32.31
N PRO E 9 2.57 -4.12 -32.95
CA PRO E 9 1.41 -3.22 -32.88
C PRO E 9 0.27 -3.69 -33.76
N ILE E 10 -0.77 -4.26 -33.17
CA ILE E 10 -1.97 -4.60 -33.93
C ILE E 10 -2.74 -3.35 -34.31
N LEU E 11 -3.04 -2.52 -33.31
CA LEU E 11 -3.58 -1.18 -33.46
C LEU E 11 -2.64 -0.21 -32.76
N PRO E 12 -2.77 1.09 -33.02
CA PRO E 12 -1.87 2.06 -32.36
C PRO E 12 -1.82 1.93 -30.83
N PHE E 13 -2.87 1.39 -30.23
CA PHE E 13 -2.96 1.24 -28.79
C PHE E 13 -2.99 -0.20 -28.30
N LEU E 14 -2.93 -1.18 -29.21
CA LEU E 14 -3.06 -2.59 -28.87
C LEU E 14 -1.85 -3.35 -29.38
N PHE E 15 -1.11 -3.98 -28.47
CA PHE E 15 0.10 -4.71 -28.79
C PHE E 15 -0.03 -6.17 -28.39
N LEU E 16 0.66 -7.03 -29.14
CA LEU E 16 0.62 -8.48 -28.94
C LEU E 16 2.03 -9.00 -28.83
N GLY E 17 2.25 -9.95 -27.92
CA GLY E 17 3.58 -10.51 -27.76
C GLY E 17 3.56 -11.82 -26.99
N ASN E 18 4.74 -12.41 -26.84
CA ASN E 18 4.91 -13.61 -26.05
C ASN E 18 5.56 -13.26 -24.72
N GLU E 19 6.00 -14.28 -23.97
CA GLU E 19 6.55 -14.04 -22.63
C GLU E 19 7.88 -13.28 -22.71
N GLN E 20 8.69 -13.55 -23.73
CA GLN E 20 9.96 -12.86 -23.85
C GLN E 20 9.76 -11.41 -24.26
N ASP E 21 8.75 -11.13 -25.09
CA ASP E 21 8.46 -9.75 -25.45
C ASP E 21 7.95 -8.94 -24.26
N ALA E 22 7.21 -9.58 -23.35
CA ALA E 22 6.62 -8.88 -22.22
C ALA E 22 7.64 -8.47 -21.17
N GLN E 23 8.89 -8.93 -21.28
CA GLN E 23 9.93 -8.62 -20.31
C GLN E 23 10.79 -7.43 -20.73
N ASP E 24 10.50 -6.81 -21.87
CA ASP E 24 11.31 -5.69 -22.36
C ASP E 24 10.72 -4.40 -21.81
N LEU E 25 11.28 -3.94 -20.70
CA LEU E 25 10.76 -2.74 -20.03
C LEU E 25 10.96 -1.50 -20.88
N ASP E 26 12.13 -1.36 -21.51
CA ASP E 26 12.41 -0.15 -22.26
C ASP E 26 11.49 0.00 -23.46
N THR E 27 11.27 -1.08 -24.21
CA THR E 27 10.37 -1.00 -25.36
C THR E 27 8.95 -0.68 -24.93
N MET E 28 8.52 -1.22 -23.79
CA MET E 28 7.16 -0.97 -23.31
C MET E 28 6.97 0.50 -22.95
N GLN E 29 7.97 1.09 -22.30
CA GLN E 29 7.88 2.52 -21.96
C GLN E 29 8.06 3.39 -23.20
N ARG E 30 8.89 2.96 -24.15
CA ARG E 30 9.07 3.73 -25.38
C ARG E 30 7.77 3.82 -26.17
N LEU E 31 6.96 2.77 -26.15
CA LEU E 31 5.72 2.70 -26.91
C LEU E 31 4.52 3.22 -26.12
N ASN E 32 4.75 3.82 -24.96
CA ASN E 32 3.69 4.41 -24.14
C ASN E 32 2.65 3.37 -23.72
N ILE E 33 3.11 2.18 -23.39
CA ILE E 33 2.23 1.12 -22.90
C ILE E 33 2.11 1.27 -21.39
N GLY E 34 0.86 1.25 -20.90
CA GLY E 34 0.61 1.38 -19.47
C GLY E 34 -0.23 0.26 -18.89
N TYR E 35 -0.67 -0.66 -19.74
CA TYR E 35 -1.57 -1.73 -19.34
C TYR E 35 -1.08 -3.07 -19.90
N VAL E 36 -1.16 -4.12 -19.09
CA VAL E 36 -0.71 -5.45 -19.48
C VAL E 36 -1.78 -6.46 -19.13
N ILE E 37 -2.13 -7.31 -20.09
CA ILE E 37 -3.00 -8.46 -19.88
C ILE E 37 -2.14 -9.71 -20.02
N ASN E 38 -2.05 -10.48 -18.94
CA ASN E 38 -1.27 -11.71 -18.91
C ASN E 38 -2.24 -12.87 -18.98
N VAL E 39 -2.23 -13.61 -20.09
CA VAL E 39 -3.19 -14.68 -20.31
C VAL E 39 -2.55 -16.02 -19.96
N THR E 40 -1.95 -16.10 -18.76
CA THR E 40 -1.42 -17.35 -18.25
C THR E 40 -1.73 -17.45 -16.76
N THR E 41 -1.68 -18.68 -16.25
CA THR E 41 -1.84 -18.91 -14.82
C THR E 41 -0.52 -18.87 -14.07
N HIS E 42 0.59 -19.17 -14.75
CA HIS E 42 1.85 -19.41 -14.07
C HIS E 42 2.93 -18.37 -14.32
N LEU E 43 2.80 -17.55 -15.37
CA LEU E 43 3.86 -16.58 -15.61
C LEU E 43 3.75 -15.42 -14.62
N PRO E 44 4.88 -14.83 -14.24
CA PRO E 44 4.82 -13.65 -13.39
C PRO E 44 4.24 -12.47 -14.14
N LEU E 45 3.74 -11.50 -13.38
CA LEU E 45 3.41 -10.18 -13.92
C LEU E 45 4.72 -9.40 -14.01
N TYR E 46 5.34 -9.41 -15.19
CA TYR E 46 6.67 -8.84 -15.34
C TYR E 46 6.67 -7.35 -15.01
N HIS E 47 7.69 -6.92 -14.24
CA HIS E 47 7.89 -5.53 -13.81
C HIS E 47 6.79 -5.03 -12.89
N TYR E 48 6.07 -5.94 -12.23
CA TYR E 48 5.02 -5.52 -11.31
C TYR E 48 5.58 -4.67 -10.19
N GLU E 49 6.75 -5.06 -9.67
CA GLU E 49 7.33 -4.41 -8.51
C GLU E 49 7.86 -3.01 -8.79
N LYS E 50 7.92 -2.59 -10.05
CA LYS E 50 8.38 -1.25 -10.39
C LYS E 50 7.27 -0.21 -10.35
N GLY E 51 6.01 -0.64 -10.23
CA GLY E 51 4.88 0.27 -10.14
C GLY E 51 4.70 1.17 -11.34
N LEU E 52 4.92 0.64 -12.54
CA LEU E 52 4.77 1.42 -13.77
C LEU E 52 3.53 1.10 -14.56
N PHE E 53 2.99 -0.11 -14.43
CA PHE E 53 1.90 -0.57 -15.29
C PHE E 53 0.72 -1.06 -14.46
N ASN E 54 -0.44 -1.09 -15.12
CA ASN E 54 -1.65 -1.71 -14.58
C ASN E 54 -1.79 -3.09 -15.19
N TYR E 55 -2.08 -4.09 -14.36
CA TYR E 55 -2.05 -5.47 -14.78
C TYR E 55 -3.42 -6.13 -14.66
N LYS E 56 -3.64 -7.14 -15.51
CA LYS E 56 -4.81 -8.00 -15.41
C LYS E 56 -4.39 -9.40 -15.85
N ARG E 57 -4.67 -10.40 -15.01
CA ARG E 57 -4.36 -11.78 -15.33
C ARG E 57 -5.64 -12.52 -15.70
N LEU E 58 -5.61 -13.20 -16.83
CA LEU E 58 -6.67 -14.13 -17.24
C LEU E 58 -6.11 -15.54 -17.10
N PRO E 59 -6.39 -16.24 -16.00
CA PRO E 59 -5.71 -17.52 -15.73
C PRO E 59 -6.14 -18.67 -16.64
N ALA E 60 -5.65 -18.67 -17.88
CA ALA E 60 -6.03 -19.67 -18.87
C ALA E 60 -4.88 -20.61 -19.19
N THR E 61 -5.23 -21.82 -19.61
CA THR E 61 -4.27 -22.80 -20.10
C THR E 61 -4.42 -22.92 -21.62
N ASP E 62 -3.43 -23.54 -22.25
CA ASP E 62 -3.43 -23.78 -23.70
C ASP E 62 -4.06 -25.12 -24.05
N SER E 63 -5.08 -25.53 -23.30
CA SER E 63 -5.70 -26.85 -23.43
C SER E 63 -6.77 -26.85 -24.52
N ASN E 64 -7.22 -28.05 -24.87
CA ASN E 64 -8.30 -28.22 -25.85
C ASN E 64 -9.68 -27.98 -25.25
N LYS E 65 -9.81 -27.75 -23.94
CA LYS E 65 -11.10 -27.41 -23.36
C LYS E 65 -11.14 -26.08 -22.61
N GLN E 66 -10.04 -25.33 -22.58
CA GLN E 66 -10.03 -24.05 -21.90
C GLN E 66 -11.01 -23.09 -22.55
N ASN E 67 -11.83 -22.43 -21.74
CA ASN E 67 -12.79 -21.44 -22.20
C ASN E 67 -12.14 -20.06 -22.14
N LEU E 68 -11.96 -19.44 -23.30
CA LEU E 68 -11.48 -18.06 -23.38
C LEU E 68 -12.62 -17.07 -23.58
N ARG E 69 -13.73 -17.51 -24.18
CA ARG E 69 -14.86 -16.62 -24.42
C ARG E 69 -15.33 -15.94 -23.15
N GLN E 70 -15.22 -16.62 -22.01
CA GLN E 70 -15.64 -16.05 -20.73
C GLN E 70 -14.85 -14.80 -20.35
N TYR E 71 -13.68 -14.59 -20.92
CA TYR E 71 -12.82 -13.46 -20.57
C TYR E 71 -12.91 -12.30 -21.56
N PHE E 72 -13.66 -12.45 -22.64
CA PHE E 72 -13.66 -11.46 -23.71
C PHE E 72 -14.09 -10.09 -23.20
N GLU E 73 -15.25 -10.02 -22.54
CA GLU E 73 -15.79 -8.74 -22.10
C GLU E 73 -14.86 -8.05 -21.10
N GLU E 74 -14.31 -8.81 -20.14
CA GLU E 74 -13.38 -8.23 -19.18
C GLU E 74 -12.14 -7.66 -19.88
N ALA E 75 -11.62 -8.38 -20.88
CA ALA E 75 -10.46 -7.89 -21.61
C ALA E 75 -10.80 -6.67 -22.45
N PHE E 76 -12.00 -6.64 -23.03
CA PHE E 76 -12.40 -5.49 -23.84
C PHE E 76 -12.50 -4.23 -22.99
N GLU E 77 -13.01 -4.37 -21.76
CA GLU E 77 -13.10 -3.22 -20.87
C GLU E 77 -11.72 -2.67 -20.52
N PHE E 78 -10.75 -3.58 -20.31
CA PHE E 78 -9.39 -3.14 -19.97
C PHE E 78 -8.73 -2.43 -21.14
N ILE E 79 -8.90 -2.95 -22.36
CA ILE E 79 -8.37 -2.28 -23.54
C ILE E 79 -9.00 -0.90 -23.69
N GLU E 80 -10.30 -0.82 -23.45
CA GLU E 80 -11.02 0.45 -23.58
C GLU E 80 -10.57 1.43 -22.49
N GLU E 81 -10.28 0.94 -21.29
CA GLU E 81 -9.78 1.82 -20.24
C GLU E 81 -8.42 2.41 -20.59
N ALA E 82 -7.55 1.59 -21.20
CA ALA E 82 -6.26 2.08 -21.67
C ALA E 82 -6.41 3.11 -22.78
N HIS E 83 -7.35 2.88 -23.70
CA HIS E 83 -7.52 3.79 -24.83
C HIS E 83 -7.91 5.19 -24.35
N GLN E 84 -8.87 5.27 -23.43
CA GLN E 84 -9.36 6.57 -23.00
C GLN E 84 -8.35 7.32 -22.15
N CYS E 85 -7.38 6.63 -21.56
CA CYS E 85 -6.34 7.29 -20.80
C CYS E 85 -5.12 7.60 -21.67
N GLY E 86 -5.24 7.40 -22.98
CA GLY E 86 -4.15 7.68 -23.89
C GLY E 86 -2.94 6.78 -23.72
N LYS E 87 -3.15 5.55 -23.26
CA LYS E 87 -2.08 4.61 -23.04
C LYS E 87 -2.27 3.37 -23.89
N GLY E 88 -1.16 2.68 -24.15
CA GLY E 88 -1.20 1.44 -24.89
C GLY E 88 -1.40 0.23 -23.98
N LEU E 89 -1.92 -0.84 -24.56
CA LEU E 89 -2.13 -2.09 -23.84
C LEU E 89 -1.41 -3.22 -24.55
N LEU E 90 -0.69 -4.04 -23.78
CA LEU E 90 -0.04 -5.24 -24.30
C LEU E 90 -0.73 -6.46 -23.73
N ILE E 91 -1.14 -7.38 -24.60
CA ILE E 91 -1.68 -8.67 -24.19
C ILE E 91 -0.72 -9.76 -24.66
N HIS E 92 -0.37 -10.65 -23.74
CA HIS E 92 0.66 -11.64 -24.02
C HIS E 92 0.35 -12.94 -23.30
N CYS E 93 0.82 -14.04 -23.89
CA CYS E 93 0.87 -15.31 -23.19
C CYS E 93 2.25 -15.93 -23.40
N GLN E 94 2.33 -17.03 -24.15
CA GLN E 94 3.62 -17.67 -24.36
C GLN E 94 4.01 -17.74 -25.83
N ALA E 95 4.95 -18.65 -26.17
CA ALA E 95 5.68 -18.58 -27.43
C ALA E 95 4.76 -18.50 -28.65
N GLY E 96 3.75 -19.36 -28.71
CA GLY E 96 2.87 -19.37 -29.87
C GLY E 96 1.76 -18.34 -29.90
N VAL E 97 1.66 -17.50 -28.87
CA VAL E 97 0.65 -16.46 -28.68
C VAL E 97 -0.76 -16.95 -29.02
N SER E 98 -1.04 -18.23 -28.75
CA SER E 98 -2.36 -18.78 -29.08
C SER E 98 -3.45 -18.15 -28.24
N ARG E 99 -3.21 -17.99 -26.94
CA ARG E 99 -4.22 -17.41 -26.06
C ARG E 99 -4.39 -15.92 -26.30
N SER E 100 -3.28 -15.19 -26.38
CA SER E 100 -3.40 -13.74 -26.51
C SER E 100 -3.93 -13.34 -27.88
N ALA E 101 -3.56 -14.07 -28.94
CA ALA E 101 -4.06 -13.74 -30.27
C ALA E 101 -5.56 -14.00 -30.39
N THR E 102 -6.09 -14.96 -29.63
CA THR E 102 -7.54 -15.17 -29.65
C THR E 102 -8.28 -13.94 -29.15
N ILE E 103 -7.82 -13.38 -28.03
CA ILE E 103 -8.49 -12.20 -27.48
C ILE E 103 -8.31 -11.00 -28.40
N VAL E 104 -7.13 -10.86 -29.01
CA VAL E 104 -6.91 -9.78 -29.97
C VAL E 104 -7.88 -9.91 -31.15
N ILE E 105 -7.98 -11.12 -31.71
CA ILE E 105 -8.87 -11.33 -32.85
C ILE E 105 -10.32 -11.07 -32.44
N ALA E 106 -10.71 -11.53 -31.25
CA ALA E 106 -12.06 -11.27 -30.77
C ALA E 106 -12.33 -9.79 -30.62
N TYR E 107 -11.32 -9.01 -30.19
CA TYR E 107 -11.52 -7.57 -30.09
C TYR E 107 -11.74 -6.95 -31.47
N LEU E 108 -10.94 -7.35 -32.46
CA LEU E 108 -11.12 -6.82 -33.81
C LEU E 108 -12.47 -7.20 -34.40
N MET E 109 -12.98 -8.39 -34.07
CA MET E 109 -14.28 -8.79 -34.59
C MET E 109 -15.40 -7.90 -34.05
N LYS E 110 -15.36 -7.59 -32.74
CA LYS E 110 -16.45 -6.84 -32.14
C LYS E 110 -16.32 -5.34 -32.38
N HIS E 111 -15.12 -4.79 -32.20
CA HIS E 111 -14.96 -3.34 -32.22
C HIS E 111 -14.47 -2.78 -33.54
N THR E 112 -14.03 -3.62 -34.47
CA THR E 112 -13.74 -3.21 -35.84
C THR E 112 -14.70 -3.83 -36.83
N ARG E 113 -15.62 -4.69 -36.37
CA ARG E 113 -16.65 -5.28 -37.21
C ARG E 113 -16.06 -6.05 -38.39
N MET E 114 -14.98 -6.79 -38.13
CA MET E 114 -14.40 -7.70 -39.08
C MET E 114 -14.94 -9.11 -38.87
N THR E 115 -14.90 -9.92 -39.93
CA THR E 115 -15.17 -11.33 -39.78
C THR E 115 -14.02 -12.00 -39.06
N MET E 116 -14.28 -13.22 -38.54
CA MET E 116 -13.22 -13.98 -37.90
C MET E 116 -12.06 -14.18 -38.86
N THR E 117 -12.36 -14.52 -40.12
CA THR E 117 -11.32 -14.76 -41.12
C THR E 117 -10.50 -13.50 -41.38
N ASP E 118 -11.18 -12.36 -41.56
CA ASP E 118 -10.45 -11.12 -41.84
C ASP E 118 -9.63 -10.68 -40.64
N ALA E 119 -10.15 -10.85 -39.42
CA ALA E 119 -9.38 -10.47 -38.24
C ALA E 119 -8.14 -11.35 -38.09
N TYR E 120 -8.27 -12.64 -38.36
CA TYR E 120 -7.11 -13.53 -38.30
C TYR E 120 -6.06 -13.11 -39.33
N LYS E 121 -6.50 -12.90 -40.58
CA LYS E 121 -5.57 -12.49 -41.62
C LYS E 121 -4.88 -11.18 -41.27
N PHE E 122 -5.62 -10.26 -40.63
CA PHE E 122 -5.04 -8.99 -40.21
C PHE E 122 -3.93 -9.19 -39.19
N VAL E 123 -4.20 -10.00 -38.16
CA VAL E 123 -3.19 -10.26 -37.13
C VAL E 123 -2.03 -11.08 -37.68
N LYS E 124 -2.34 -12.09 -38.49
CA LYS E 124 -1.30 -12.96 -39.05
C LYS E 124 -0.33 -12.19 -39.93
N GLY E 125 -0.81 -11.18 -40.66
CA GLY E 125 0.07 -10.37 -41.48
C GLY E 125 1.06 -9.56 -40.67
N LYS E 126 0.69 -9.18 -39.45
CA LYS E 126 1.57 -8.43 -38.57
C LYS E 126 2.41 -9.32 -37.67
N ARG E 127 1.86 -10.48 -37.28
CA ARG E 127 2.54 -11.45 -36.42
C ARG E 127 2.54 -12.78 -37.16
N PRO E 128 3.58 -13.06 -37.95
CA PRO E 128 3.55 -14.23 -38.84
C PRO E 128 3.45 -15.56 -38.11
N ILE E 129 4.00 -15.68 -36.90
CA ILE E 129 4.05 -16.95 -36.19
C ILE E 129 2.91 -16.98 -35.18
N ILE E 130 1.88 -17.78 -35.45
CA ILE E 130 0.75 -17.96 -34.55
C ILE E 130 0.43 -19.44 -34.48
N SER E 131 0.50 -20.02 -33.28
CA SER E 131 0.24 -21.46 -33.15
C SER E 131 -1.26 -21.72 -33.13
N PRO E 132 -1.75 -22.64 -33.97
CA PRO E 132 -3.18 -22.90 -34.02
C PRO E 132 -3.69 -23.62 -32.78
N ASN E 133 -4.93 -23.31 -32.42
CA ASN E 133 -5.63 -24.02 -31.34
C ASN E 133 -7.07 -24.21 -31.81
N LEU E 134 -7.41 -25.44 -32.17
CA LEU E 134 -8.72 -25.72 -32.75
C LEU E 134 -9.85 -25.38 -31.79
N ASN E 135 -9.62 -25.57 -30.48
CA ASN E 135 -10.63 -25.22 -29.49
C ASN E 135 -10.89 -23.72 -29.49
N PHE E 136 -9.83 -22.91 -29.47
CA PHE E 136 -9.98 -21.46 -29.50
C PHE E 136 -10.61 -21.00 -30.82
N MET E 137 -10.24 -21.67 -31.92
CA MET E 137 -10.84 -21.32 -33.20
C MET E 137 -12.36 -21.52 -33.15
N GLY E 138 -12.81 -22.63 -32.58
CA GLY E 138 -14.24 -22.86 -32.47
C GLY E 138 -14.95 -21.78 -31.66
N GLN E 139 -14.28 -21.29 -30.61
CA GLN E 139 -14.89 -20.24 -29.79
C GLN E 139 -15.01 -18.93 -30.56
N LEU E 140 -14.01 -18.61 -31.38
CA LEU E 140 -14.09 -17.41 -32.19
C LEU E 140 -15.19 -17.54 -33.24
N LEU E 141 -15.37 -18.73 -33.79
CA LEU E 141 -16.44 -18.94 -34.77
C LEU E 141 -17.81 -18.81 -34.13
N GLU E 142 -17.97 -19.32 -32.91
CA GLU E 142 -19.24 -19.15 -32.21
C GLU E 142 -19.43 -17.70 -31.77
N PHE E 143 -18.35 -16.99 -31.48
CA PHE E 143 -18.42 -15.57 -31.17
C PHE E 143 -18.87 -14.77 -32.39
N GLU E 144 -18.43 -15.18 -33.59
CA GLU E 144 -18.87 -14.51 -34.81
C GLU E 144 -20.38 -14.67 -35.00
N GLU E 145 -20.91 -15.86 -34.72
CA GLU E 145 -22.34 -16.09 -34.85
C GLU E 145 -23.12 -15.26 -33.84
N ASP E 146 -22.56 -15.08 -32.64
CA ASP E 146 -23.22 -14.25 -31.64
C ASP E 146 -23.17 -12.77 -32.03
N LEU E 147 -22.06 -12.33 -32.65
CA LEU E 147 -21.97 -10.95 -33.08
C LEU E 147 -22.92 -10.67 -34.24
N ASN E 148 -23.01 -11.59 -35.20
CA ASN E 148 -23.90 -11.39 -36.34
C ASN E 148 -25.37 -11.45 -35.94
N ASN E 149 -25.68 -12.04 -34.79
CA ASN E 149 -27.04 -12.10 -34.28
C ASN E 149 -27.33 -11.06 -33.19
N GLY E 150 -26.32 -10.36 -32.70
CA GLY E 150 -26.53 -9.25 -31.80
C GLY E 150 -26.21 -9.50 -30.34
N VAL E 151 -25.92 -10.74 -29.95
CA VAL E 151 -25.64 -11.02 -28.55
C VAL E 151 -24.14 -10.98 -28.28
N ALA F 5 -27.97 2.33 -15.43
CA ALA F 5 -29.14 3.14 -15.12
C ALA F 5 -29.28 3.32 -13.62
N GLU F 6 -28.30 3.98 -13.01
CA GLU F 6 -28.28 4.22 -11.57
C GLU F 6 -28.63 5.69 -11.28
N LEU F 7 -29.79 5.91 -10.67
CA LEU F 7 -30.15 7.22 -10.14
C LEU F 7 -29.87 7.15 -8.64
N THR F 8 -28.70 7.60 -8.25
CA THR F 8 -28.22 7.37 -6.90
C THR F 8 -28.98 8.22 -5.88
N PRO F 9 -29.69 7.61 -4.93
CA PRO F 9 -30.32 8.40 -3.87
C PRO F 9 -29.29 8.86 -2.85
N ILE F 10 -28.90 10.14 -2.93
CA ILE F 10 -28.02 10.70 -1.91
C ILE F 10 -28.80 10.96 -0.62
N LEU F 11 -29.92 11.67 -0.73
CA LEU F 11 -30.91 11.85 0.31
C LEU F 11 -32.25 11.37 -0.22
N PRO F 12 -33.24 11.15 0.65
CA PRO F 12 -34.56 10.69 0.17
C PRO F 12 -35.15 11.54 -0.94
N PHE F 13 -34.77 12.80 -1.02
CA PHE F 13 -35.27 13.73 -2.03
C PHE F 13 -34.21 14.24 -2.98
N LEU F 14 -32.95 13.82 -2.84
CA LEU F 14 -31.84 14.37 -3.62
C LEU F 14 -31.15 13.21 -4.34
N PHE F 15 -31.16 13.24 -5.67
CA PHE F 15 -30.60 12.18 -6.48
C PHE F 15 -29.50 12.72 -7.37
N LEU F 16 -28.54 11.86 -7.68
CA LEU F 16 -27.36 12.21 -8.47
C LEU F 16 -27.20 11.22 -9.61
N GLY F 17 -26.85 11.71 -10.79
CA GLY F 17 -26.67 10.83 -11.93
C GLY F 17 -25.88 11.48 -13.03
N ASN F 18 -25.65 10.71 -14.09
CA ASN F 18 -24.97 11.19 -15.28
C ASN F 18 -25.98 11.41 -16.40
N GLU F 19 -25.46 11.60 -17.63
CA GLU F 19 -26.32 11.91 -18.75
C GLU F 19 -27.23 10.75 -19.12
N GLN F 20 -26.73 9.51 -19.02
CA GLN F 20 -27.58 8.36 -19.35
C GLN F 20 -28.61 8.09 -18.26
N ASP F 21 -28.27 8.37 -17.00
CA ASP F 21 -29.24 8.19 -15.93
C ASP F 21 -30.42 9.14 -16.06
N ALA F 22 -30.19 10.36 -16.56
CA ALA F 22 -31.26 11.35 -16.65
C ALA F 22 -32.24 11.04 -17.75
N GLN F 23 -31.95 10.06 -18.60
CA GLN F 23 -32.83 9.69 -19.71
C GLN F 23 -33.74 8.52 -19.39
N ASP F 24 -33.67 7.99 -18.17
CA ASP F 24 -34.51 6.85 -17.75
C ASP F 24 -35.79 7.43 -17.14
N LEU F 25 -36.83 7.55 -17.96
CA LEU F 25 -38.06 8.18 -17.51
C LEU F 25 -38.78 7.36 -16.45
N ASP F 26 -38.84 6.04 -16.64
CA ASP F 26 -39.60 5.20 -15.70
C ASP F 26 -38.98 5.23 -14.31
N THR F 27 -37.65 5.14 -14.22
CA THR F 27 -37.01 5.20 -12.91
C THR F 27 -37.26 6.55 -12.25
N MET F 28 -37.27 7.63 -13.03
CA MET F 28 -37.51 8.95 -12.47
C MET F 28 -38.92 9.06 -11.89
N GLN F 29 -39.92 8.52 -12.60
CA GLN F 29 -41.28 8.56 -12.08
C GLN F 29 -41.46 7.61 -10.91
N ARG F 30 -40.78 6.47 -10.92
CA ARG F 30 -40.88 5.53 -9.81
C ARG F 30 -40.37 6.14 -8.52
N LEU F 31 -39.33 6.99 -8.59
CA LEU F 31 -38.74 7.60 -7.41
C LEU F 31 -39.37 8.93 -7.05
N ASN F 32 -40.48 9.29 -7.69
CA ASN F 32 -41.21 10.53 -7.39
C ASN F 32 -40.35 11.77 -7.60
N ILE F 33 -39.56 11.77 -8.66
CA ILE F 33 -38.73 12.91 -9.01
C ILE F 33 -39.55 13.89 -9.84
N GLY F 34 -39.54 15.16 -9.45
CA GLY F 34 -40.28 16.18 -10.17
C GLY F 34 -39.44 17.37 -10.60
N TYR F 35 -38.16 17.37 -10.24
CA TYR F 35 -37.28 18.50 -10.50
C TYR F 35 -35.95 17.98 -11.06
N VAL F 36 -35.40 18.70 -12.03
CA VAL F 36 -34.15 18.30 -12.67
C VAL F 36 -33.23 19.52 -12.74
N ILE F 37 -31.99 19.33 -12.30
CA ILE F 37 -30.92 20.32 -12.47
C ILE F 37 -29.92 19.74 -13.46
N ASN F 38 -29.75 20.43 -14.59
CA ASN F 38 -28.83 20.03 -15.64
C ASN F 38 -27.60 20.93 -15.54
N VAL F 39 -26.46 20.34 -15.16
CA VAL F 39 -25.24 21.11 -14.92
C VAL F 39 -24.34 21.01 -16.15
N THR F 40 -24.92 21.26 -17.33
CA THR F 40 -24.15 21.29 -18.55
C THR F 40 -24.61 22.47 -19.39
N THR F 41 -23.74 22.88 -20.31
CA THR F 41 -24.11 23.92 -21.25
C THR F 41 -24.70 23.35 -22.53
N HIS F 42 -24.34 22.13 -22.92
CA HIS F 42 -24.64 21.61 -24.24
C HIS F 42 -25.66 20.48 -24.26
N LEU F 43 -25.95 19.84 -23.14
CA LEU F 43 -26.91 18.74 -23.17
C LEU F 43 -28.34 19.27 -23.25
N PRO F 44 -29.24 18.54 -23.89
CA PRO F 44 -30.65 18.92 -23.87
C PRO F 44 -31.24 18.72 -22.48
N LEU F 45 -32.36 19.40 -22.25
CA LEU F 45 -33.18 19.11 -21.09
C LEU F 45 -34.01 17.88 -21.42
N TYR F 46 -33.57 16.72 -20.94
CA TYR F 46 -34.24 15.47 -21.31
C TYR F 46 -35.69 15.46 -20.84
N HIS F 47 -36.57 14.95 -21.71
CA HIS F 47 -38.00 14.83 -21.44
C HIS F 47 -38.69 16.19 -21.28
N TYR F 48 -38.10 17.25 -21.82
CA TYR F 48 -38.67 18.58 -21.64
C TYR F 48 -40.09 18.66 -22.21
N GLU F 49 -40.31 18.03 -23.37
CA GLU F 49 -41.59 18.12 -24.05
C GLU F 49 -42.71 17.37 -23.34
N LYS F 50 -42.41 16.58 -22.31
CA LYS F 50 -43.44 15.83 -21.63
C LYS F 50 -44.12 16.59 -20.50
N GLY F 51 -43.59 17.74 -20.09
CA GLY F 51 -44.23 18.53 -19.06
C GLY F 51 -44.44 17.79 -17.74
N LEU F 52 -43.47 16.96 -17.37
CA LEU F 52 -43.55 16.20 -16.12
C LEU F 52 -42.67 16.76 -15.02
N PHE F 53 -41.63 17.52 -15.37
CA PHE F 53 -40.65 18.00 -14.41
C PHE F 53 -40.48 19.50 -14.52
N ASN F 54 -39.95 20.09 -13.44
CA ASN F 54 -39.47 21.46 -13.45
C ASN F 54 -37.95 21.45 -13.62
N TYR F 55 -37.45 22.30 -14.51
CA TYR F 55 -36.07 22.26 -14.93
C TYR F 55 -35.33 23.53 -14.51
N LYS F 56 -34.01 23.36 -14.33
CA LYS F 56 -33.08 24.46 -14.10
C LYS F 56 -31.74 24.06 -14.70
N ARG F 57 -31.17 24.91 -15.54
CA ARG F 57 -29.88 24.65 -16.15
C ARG F 57 -28.82 25.52 -15.49
N LEU F 58 -27.72 24.90 -15.06
CA LEU F 58 -26.52 25.62 -14.62
C LEU F 58 -25.48 25.45 -15.71
N PRO F 59 -25.36 26.41 -16.64
CA PRO F 59 -24.52 26.19 -17.82
C PRO F 59 -23.03 26.22 -17.52
N ALA F 60 -22.52 25.13 -16.94
CA ALA F 60 -21.13 25.01 -16.55
C ALA F 60 -20.41 23.98 -17.40
N THR F 61 -19.10 24.16 -17.55
CA THR F 61 -18.25 23.20 -18.25
C THR F 61 -17.44 22.41 -17.24
N ASP F 62 -16.81 21.34 -17.71
CA ASP F 62 -15.94 20.51 -16.89
C ASP F 62 -14.49 20.97 -16.93
N SER F 63 -14.27 22.27 -17.01
CA SER F 63 -12.95 22.87 -17.18
C SER F 63 -12.28 23.14 -15.84
N ASN F 64 -10.98 23.42 -15.90
CA ASN F 64 -10.21 23.80 -14.72
C ASN F 64 -10.35 25.28 -14.34
N LYS F 65 -11.10 26.09 -15.09
CA LYS F 65 -11.42 27.45 -14.67
C LYS F 65 -12.91 27.73 -14.54
N GLN F 66 -13.78 26.73 -14.72
CA GLN F 66 -15.21 26.95 -14.56
C GLN F 66 -15.53 27.32 -13.11
N ASN F 67 -16.34 28.34 -12.93
CA ASN F 67 -16.81 28.76 -11.61
C ASN F 67 -18.15 28.08 -11.33
N LEU F 68 -18.18 27.21 -10.33
CA LEU F 68 -19.42 26.59 -9.87
C LEU F 68 -19.98 27.24 -8.60
N ARG F 69 -19.12 27.87 -7.79
CA ARG F 69 -19.58 28.53 -6.57
C ARG F 69 -20.69 29.53 -6.85
N GLN F 70 -20.65 30.19 -8.01
CA GLN F 70 -21.66 31.18 -8.36
C GLN F 70 -23.06 30.58 -8.48
N TYR F 71 -23.18 29.27 -8.66
CA TYR F 71 -24.47 28.63 -8.85
C TYR F 71 -25.01 27.98 -7.58
N PHE F 72 -24.25 28.00 -6.50
CA PHE F 72 -24.61 27.24 -5.30
C PHE F 72 -25.96 27.66 -4.75
N GLU F 73 -26.15 28.96 -4.50
CA GLU F 73 -27.39 29.43 -3.89
C GLU F 73 -28.60 29.15 -4.78
N GLU F 74 -28.44 29.36 -6.10
CA GLU F 74 -29.53 29.07 -7.02
C GLU F 74 -29.91 27.60 -6.97
N ALA F 75 -28.91 26.70 -6.88
CA ALA F 75 -29.22 25.28 -6.81
C ALA F 75 -29.87 24.92 -5.47
N PHE F 76 -29.42 25.54 -4.38
CA PHE F 76 -29.99 25.22 -3.07
C PHE F 76 -31.46 25.63 -2.99
N GLU F 77 -31.81 26.76 -3.60
CA GLU F 77 -33.21 27.19 -3.62
C GLU F 77 -34.06 26.20 -4.39
N PHE F 78 -33.56 25.67 -5.50
CA PHE F 78 -34.32 24.70 -6.27
C PHE F 78 -34.51 23.40 -5.50
N ILE F 79 -33.45 22.92 -4.86
CA ILE F 79 -33.55 21.70 -4.06
C ILE F 79 -34.56 21.90 -2.92
N GLU F 80 -34.51 23.06 -2.27
CA GLU F 80 -35.44 23.35 -1.19
C GLU F 80 -36.87 23.46 -1.70
N GLU F 81 -37.05 24.00 -2.90
CA GLU F 81 -38.39 24.06 -3.49
C GLU F 81 -38.93 22.65 -3.76
N ALA F 82 -38.07 21.75 -4.25
CA ALA F 82 -38.50 20.38 -4.47
C ALA F 82 -38.87 19.70 -3.16
N HIS F 83 -38.05 19.89 -2.11
CA HIS F 83 -38.34 19.29 -0.81
C HIS F 83 -39.66 19.82 -0.24
N GLN F 84 -39.88 21.13 -0.37
CA GLN F 84 -41.05 21.73 0.25
C GLN F 84 -42.34 21.30 -0.46
N CYS F 85 -42.25 20.88 -1.72
CA CYS F 85 -43.40 20.38 -2.48
C CYS F 85 -43.52 18.86 -2.44
N GLY F 86 -42.71 18.19 -1.62
CA GLY F 86 -42.77 16.73 -1.52
C GLY F 86 -42.34 15.98 -2.75
N LYS F 87 -41.45 16.56 -3.56
CA LYS F 87 -40.92 15.92 -4.76
C LYS F 87 -39.42 15.75 -4.66
N GLY F 88 -38.90 14.81 -5.45
CA GLY F 88 -37.46 14.59 -5.51
C GLY F 88 -36.81 15.44 -6.58
N LEU F 89 -35.52 15.71 -6.41
CA LEU F 89 -34.75 16.48 -7.36
C LEU F 89 -33.53 15.68 -7.81
N LEU F 90 -33.28 15.70 -9.11
CA LEU F 90 -32.12 15.05 -9.72
C LEU F 90 -31.16 16.11 -10.25
N ILE F 91 -29.88 15.97 -9.89
CA ILE F 91 -28.81 16.79 -10.44
C ILE F 91 -27.95 15.88 -11.30
N HIS F 92 -27.68 16.30 -12.53
CA HIS F 92 -26.92 15.44 -13.44
C HIS F 92 -26.02 16.30 -14.31
N CYS F 93 -24.90 15.71 -14.72
CA CYS F 93 -24.07 16.24 -15.79
C CYS F 93 -23.68 15.13 -16.75
N GLN F 94 -22.40 14.76 -16.79
CA GLN F 94 -21.96 13.71 -17.70
C GLN F 94 -21.26 12.56 -16.97
N ALA F 95 -20.48 11.76 -17.69
CA ALA F 95 -20.07 10.43 -17.22
C ALA F 95 -19.43 10.45 -15.84
N GLY F 96 -18.48 11.35 -15.61
CA GLY F 96 -17.77 11.37 -14.34
C GLY F 96 -18.45 12.10 -13.20
N VAL F 97 -19.64 12.66 -13.42
CA VAL F 97 -20.45 13.43 -12.47
C VAL F 97 -19.64 14.45 -11.68
N SER F 98 -18.59 15.02 -12.31
CA SER F 98 -17.74 15.95 -11.60
C SER F 98 -18.49 17.23 -11.24
N ARG F 99 -19.29 17.76 -12.16
CA ARG F 99 -20.00 19.00 -11.90
C ARG F 99 -21.15 18.80 -10.91
N SER F 100 -21.98 17.78 -11.14
CA SER F 100 -23.17 17.59 -10.31
C SER F 100 -22.80 17.15 -8.89
N ALA F 101 -21.75 16.34 -8.75
CA ALA F 101 -21.34 15.93 -7.41
C ALA F 101 -20.81 17.10 -6.59
N THR F 102 -20.20 18.09 -7.25
CA THR F 102 -19.75 19.27 -6.54
C THR F 102 -20.92 20.00 -5.89
N ILE F 103 -22.01 20.17 -6.65
CA ILE F 103 -23.17 20.87 -6.11
C ILE F 103 -23.85 20.04 -5.01
N VAL F 104 -23.90 18.72 -5.19
CA VAL F 104 -24.48 17.86 -4.16
C VAL F 104 -23.68 17.97 -2.86
N ILE F 105 -22.35 17.88 -2.98
CA ILE F 105 -21.48 17.98 -1.80
C ILE F 105 -21.61 19.35 -1.15
N ALA F 106 -21.66 20.40 -1.96
CA ALA F 106 -21.84 21.74 -1.41
C ALA F 106 -23.17 21.86 -0.69
N TYR F 107 -24.21 21.19 -1.20
CA TYR F 107 -25.49 21.21 -0.51
C TYR F 107 -25.41 20.50 0.84
N LEU F 108 -24.76 19.33 0.88
CA LEU F 108 -24.61 18.62 2.14
C LEU F 108 -23.78 19.43 3.14
N MET F 109 -22.81 20.20 2.65
CA MET F 109 -21.98 21.01 3.54
C MET F 109 -22.79 22.10 4.22
N LYS F 110 -23.64 22.80 3.47
CA LYS F 110 -24.36 23.94 4.04
C LYS F 110 -25.61 23.51 4.79
N HIS F 111 -26.41 22.61 4.21
CA HIS F 111 -27.72 22.32 4.77
C HIS F 111 -27.77 21.07 5.64
N THR F 112 -26.74 20.24 5.63
CA THR F 112 -26.63 19.15 6.58
C THR F 112 -25.45 19.34 7.53
N ARG F 113 -24.68 20.42 7.36
CA ARG F 113 -23.59 20.77 8.27
C ARG F 113 -22.54 19.67 8.37
N MET F 114 -22.20 19.06 7.23
CA MET F 114 -21.07 18.15 7.14
C MET F 114 -19.82 18.91 6.67
N THR F 115 -18.66 18.38 7.02
CA THR F 115 -17.42 18.90 6.47
C THR F 115 -17.31 18.51 5.00
N MET F 116 -16.41 19.21 4.30
CA MET F 116 -16.18 18.88 2.89
C MET F 116 -15.77 17.42 2.73
N THR F 117 -14.86 16.95 3.59
CA THR F 117 -14.39 15.57 3.52
C THR F 117 -15.52 14.59 3.81
N ASP F 118 -16.29 14.82 4.87
CA ASP F 118 -17.37 13.91 5.23
C ASP F 118 -18.46 13.90 4.16
N ALA F 119 -18.77 15.05 3.58
CA ALA F 119 -19.77 15.11 2.52
C ALA F 119 -19.30 14.34 1.29
N TYR F 120 -18.02 14.47 0.94
CA TYR F 120 -17.48 13.71 -0.18
C TYR F 120 -17.54 12.22 0.09
N LYS F 121 -17.06 11.80 1.26
CA LYS F 121 -17.10 10.38 1.62
C LYS F 121 -18.54 9.84 1.61
N PHE F 122 -19.48 10.67 2.05
CA PHE F 122 -20.89 10.27 2.04
C PHE F 122 -21.38 10.02 0.62
N VAL F 123 -21.08 10.94 -0.31
CA VAL F 123 -21.49 10.77 -1.70
C VAL F 123 -20.72 9.64 -2.36
N LYS F 124 -19.41 9.57 -2.10
CA LYS F 124 -18.57 8.53 -2.71
C LYS F 124 -19.03 7.13 -2.32
N GLY F 125 -19.52 6.96 -1.08
CA GLY F 125 -20.02 5.66 -0.67
C GLY F 125 -21.25 5.21 -1.43
N LYS F 126 -22.05 6.17 -1.91
CA LYS F 126 -23.25 5.84 -2.68
C LYS F 126 -23.00 5.81 -4.18
N ARG F 127 -22.08 6.63 -4.69
CA ARG F 127 -21.71 6.65 -6.11
C ARG F 127 -20.21 6.43 -6.20
N PRO F 128 -19.77 5.19 -6.36
CA PRO F 128 -18.32 4.88 -6.28
C PRO F 128 -17.46 5.58 -7.32
N ILE F 129 -17.98 5.85 -8.51
CA ILE F 129 -17.19 6.40 -9.60
C ILE F 129 -17.44 7.91 -9.66
N ILE F 130 -16.44 8.70 -9.26
CA ILE F 130 -16.51 10.15 -9.32
C ILE F 130 -15.18 10.66 -9.87
N SER F 131 -15.23 11.41 -10.97
CA SER F 131 -14.02 11.93 -11.60
C SER F 131 -13.52 13.15 -10.84
N PRO F 132 -12.23 13.20 -10.49
CA PRO F 132 -11.72 14.35 -9.74
C PRO F 132 -11.63 15.60 -10.59
N ASN F 133 -11.82 16.75 -9.94
CA ASN F 133 -11.60 18.06 -10.56
C ASN F 133 -10.98 18.95 -9.49
N LEU F 134 -9.66 19.23 -9.62
CA LEU F 134 -8.98 20.00 -8.59
C LEU F 134 -9.53 21.43 -8.48
N ASN F 135 -9.97 22.01 -9.59
CA ASN F 135 -10.57 23.33 -9.55
C ASN F 135 -11.84 23.33 -8.72
N PHE F 136 -12.73 22.35 -8.96
CA PHE F 136 -13.95 22.26 -8.18
C PHE F 136 -13.66 21.92 -6.72
N MET F 137 -12.64 21.08 -6.46
CA MET F 137 -12.26 20.77 -5.09
C MET F 137 -11.82 22.02 -4.34
N GLY F 138 -10.99 22.85 -4.98
CA GLY F 138 -10.57 24.08 -4.35
C GLY F 138 -11.72 25.01 -4.03
N GLN F 139 -12.74 25.03 -4.89
CA GLN F 139 -13.91 25.85 -4.64
C GLN F 139 -14.71 25.33 -3.46
N LEU F 140 -14.79 24.01 -3.30
CA LEU F 140 -15.45 23.46 -2.12
C LEU F 140 -14.66 23.77 -0.86
N LEU F 141 -13.33 23.76 -0.95
CA LEU F 141 -12.52 24.09 0.21
C LEU F 141 -12.71 25.55 0.61
N GLU F 142 -12.82 26.45 -0.36
CA GLU F 142 -13.11 27.83 -0.03
C GLU F 142 -14.52 28.01 0.49
N PHE F 143 -15.46 27.21 -0.01
CA PHE F 143 -16.83 27.23 0.49
C PHE F 143 -16.90 26.77 1.94
N GLU F 144 -16.10 25.77 2.30
CA GLU F 144 -16.07 25.33 3.68
C GLU F 144 -15.56 26.44 4.60
N GLU F 145 -14.53 27.17 4.17
CA GLU F 145 -14.01 28.26 4.98
C GLU F 145 -14.99 29.41 5.10
N ASP F 146 -15.75 29.68 4.03
CA ASP F 146 -16.76 30.73 4.11
C ASP F 146 -17.88 30.34 5.06
N LEU F 147 -18.23 29.05 5.11
CA LEU F 147 -19.26 28.59 6.04
C LEU F 147 -18.81 28.71 7.48
N ASN F 148 -17.57 28.33 7.77
CA ASN F 148 -17.06 28.39 9.13
C ASN F 148 -16.83 29.83 9.61
N ASN F 149 -16.75 30.78 8.69
CA ASN F 149 -16.57 32.19 9.04
C ASN F 149 -17.87 32.98 9.00
N GLY F 150 -18.98 32.37 8.59
CA GLY F 150 -20.25 33.06 8.54
C GLY F 150 -20.44 33.95 7.33
N VAL F 151 -19.57 33.88 6.34
CA VAL F 151 -19.68 34.68 5.12
C VAL F 151 -20.93 34.27 4.34
#